data_6HN0
#
_entry.id   6HN0
#
_cell.length_a   121.680
_cell.length_b   121.680
_cell.length_c   121.770
_cell.angle_alpha   90.00
_cell.angle_beta   90.00
_cell.angle_gamma   120.00
#
_symmetry.space_group_name_H-M   'P 32 2 1'
#
loop_
_entity.id
_entity.type
_entity.pdbx_description
1 polymer 'Serum albumin'
2 non-polymer '2-[2,6-DICHLOROPHENYL)AMINO]BENZENEACETIC ACID'
3 non-polymer 'ACETATE ION'
4 non-polymer '(2S)-2-hydroxybutanedioic acid'
5 non-polymer 'MALONATE ION'
6 non-polymer 'FORMIC ACID'
7 non-polymer 'SODIUM ION'
8 water water
#
_entity_poly.entity_id   1
_entity_poly.type   'polypeptide(L)'
_entity_poly.pdbx_seq_one_letter_code
;DTHKSEIAHRFNDLGEENFQGLVLIAFSQYLQQCPFDEHVKLVKELTEFAKTCVADESHAGCDKSLHTLFGDELCKVATL
RETYGDMADCCEKQEPERNECFLNHKDDSPDLPKLKPEPDTLCAEFKADEKKFWGKYLYEVARRHPYFYAPELLYYANKY
NGVFQECCQAEDKGACLLPKIDAMREKVLASSARQRLRCASIQKFGERALKAWSVARLSQKFPKADFTDVTKIVTDLTKV
HKECCHGDLLECADDRADLAKYICDHQDALSSKLKECCDKPVLEKSHCIAEVDKDAVPENLPPLTADFAEDKEVCKNYQE
AKDVFLGSFLYEYSRRHPEYAVSVLLRLAKEYEATLEDCCAKEDPHACYATVFDKLKHLVDEPQNLIKKNCELFEKHGEY
GFQNALIVRYTRKAPQVSTPTLVEISRSLGKVGTKCCAKPESERMPCTEDYLSLILNRLCVLHEKTPVSEKVTKCCTESL
VNRRPCFSDLTLDETYVPKPFDEKFFTFHADICTLPDTEKQIKKQTALVELLKHKPKATDEQLKTVMENFVAFVDKCCAA
DDKEGCFVLEGPKLVASTQAALA
;
_entity_poly.pdbx_strand_id   A
#
loop_
_chem_comp.id
_chem_comp.type
_chem_comp.name
_chem_comp.formula
ACT non-polymer 'ACETATE ION' 'C2 H3 O2 -1'
DIF non-polymer '2-[2,6-DICHLOROPHENYL)AMINO]BENZENEACETIC ACID' 'C14 H11 Cl2 N O2'
FMT non-polymer 'FORMIC ACID' 'C H2 O2'
LMR non-polymer '(2S)-2-hydroxybutanedioic acid' 'C4 H6 O5'
MLI non-polymer 'MALONATE ION' 'C3 H2 O4 -2'
NA non-polymer 'SODIUM ION' 'Na 1'
#
# COMPACT_ATOMS: atom_id res chain seq x y z
N ASP A 1 18.07 -32.43 -1.37
CA ASP A 1 17.34 -33.57 -0.79
C ASP A 1 15.91 -33.14 -0.33
N THR A 2 14.91 -33.89 -0.85
CA THR A 2 13.45 -33.62 -0.65
C THR A 2 12.86 -34.35 0.57
N HIS A 3 13.63 -35.27 1.18
CA HIS A 3 13.23 -36.00 2.38
C HIS A 3 13.50 -35.09 3.61
N LYS A 4 12.55 -34.19 3.77
CA LYS A 4 12.66 -33.04 4.61
C LYS A 4 11.31 -32.90 5.23
N SER A 5 11.33 -32.56 6.48
CA SER A 5 10.14 -32.11 7.11
C SER A 5 10.13 -30.59 6.95
N GLU A 6 9.18 -30.05 6.19
CA GLU A 6 9.17 -28.54 5.94
C GLU A 6 9.03 -27.79 7.27
N ILE A 7 8.07 -28.22 8.08
CA ILE A 7 7.88 -27.51 9.36
C ILE A 7 9.19 -27.49 10.19
N ALA A 8 9.91 -28.66 10.25
CA ALA A 8 11.20 -28.71 10.93
C ALA A 8 12.22 -27.76 10.35
N HIS A 9 12.31 -27.78 9.02
CA HIS A 9 13.20 -26.89 8.30
C HIS A 9 12.96 -25.40 8.60
N ARG A 10 11.69 -24.98 8.57
CA ARG A 10 11.44 -23.53 8.80
C ARG A 10 11.68 -23.22 10.27
N PHE A 11 11.32 -24.16 11.15
CA PHE A 11 11.62 -23.91 12.55
C PHE A 11 13.12 -23.81 12.81
N ASN A 12 13.89 -24.80 12.29
CA ASN A 12 15.38 -24.69 12.24
C ASN A 12 15.90 -23.37 11.68
N ASP A 13 15.42 -22.97 10.51
CA ASP A 13 15.91 -21.76 9.89
C ASP A 13 15.55 -20.49 10.59
N LEU A 14 14.32 -20.40 11.08
CA LEU A 14 13.83 -19.07 11.53
C LEU A 14 14.06 -18.86 13.06
N GLY A 15 14.10 -19.97 13.82
CA GLY A 15 14.20 -19.82 15.26
C GLY A 15 12.78 -19.72 15.83
N GLU A 16 12.62 -20.08 17.10
CA GLU A 16 11.34 -20.21 17.74
C GLU A 16 10.54 -18.91 17.75
N GLU A 17 11.19 -17.83 18.12
CA GLU A 17 10.51 -16.56 18.23
C GLU A 17 9.91 -16.10 16.89
N ASN A 18 10.75 -16.06 15.83
CA ASN A 18 10.21 -15.60 14.54
C ASN A 18 9.17 -16.59 13.95
N PHE A 19 9.38 -17.87 14.19
CA PHE A 19 8.43 -18.88 13.75
C PHE A 19 7.07 -18.59 14.39
N GLN A 20 7.08 -18.40 15.70
CA GLN A 20 5.84 -18.18 16.45
C GLN A 20 5.17 -16.92 15.96
N GLY A 21 5.98 -15.87 15.77
CA GLY A 21 5.44 -14.59 15.29
C GLY A 21 4.76 -14.74 13.92
N LEU A 22 5.43 -15.44 12.99
CA LEU A 22 4.91 -15.60 11.65
C LEU A 22 3.66 -16.46 11.64
N VAL A 23 3.62 -17.49 12.50
CA VAL A 23 2.45 -18.35 12.55
C VAL A 23 1.27 -17.53 13.11
N LEU A 24 1.57 -16.64 14.08
CA LEU A 24 0.53 -15.81 14.70
C LEU A 24 0.03 -14.83 13.62
N ILE A 25 0.96 -14.29 12.83
CA ILE A 25 0.54 -13.38 11.78
C ILE A 25 -0.37 -14.12 10.76
N ALA A 26 0.01 -15.33 10.36
CA ALA A 26 -0.80 -16.09 9.39
C ALA A 26 -2.23 -16.30 9.92
N PHE A 27 -2.34 -16.75 11.18
CA PHE A 27 -3.69 -16.91 11.71
C PHE A 27 -4.43 -15.60 11.82
N SER A 28 -3.75 -14.53 12.20
CA SER A 28 -4.48 -13.25 12.37
C SER A 28 -4.99 -12.68 10.98
N GLN A 29 -4.25 -12.99 9.88
CA GLN A 29 -4.56 -12.44 8.54
C GLN A 29 -5.68 -13.29 7.99
N TYR A 30 -5.64 -14.59 8.19
CA TYR A 30 -6.75 -15.39 7.63
C TYR A 30 -8.09 -15.28 8.45
N LEU A 31 -7.97 -15.17 9.77
CA LEU A 31 -9.14 -15.23 10.70
C LEU A 31 -9.08 -14.00 11.52
N GLN A 32 -9.57 -12.93 10.91
CA GLN A 32 -9.36 -11.60 11.41
C GLN A 32 -10.26 -11.27 12.58
N GLN A 33 -11.29 -12.07 12.80
CA GLN A 33 -12.26 -11.74 13.81
C GLN A 33 -12.18 -12.77 14.98
N CYS A 34 -11.05 -13.46 15.14
CA CYS A 34 -10.83 -14.40 16.27
C CYS A 34 -10.08 -13.70 17.36
N PRO A 35 -10.30 -14.06 18.62
CA PRO A 35 -9.46 -13.39 19.61
C PRO A 35 -8.03 -13.82 19.62
N PHE A 36 -7.20 -12.94 20.17
CA PHE A 36 -5.77 -13.15 20.37
C PHE A 36 -5.46 -14.46 21.07
N ASP A 37 -6.12 -14.74 22.22
CA ASP A 37 -5.76 -15.91 23.00
CA ASP A 37 -5.90 -16.00 23.03
C ASP A 37 -6.15 -17.26 22.26
N GLU A 38 -7.22 -17.28 21.45
CA GLU A 38 -7.49 -18.42 20.50
C GLU A 38 -6.42 -18.60 19.44
N HIS A 39 -5.90 -17.51 18.84
CA HIS A 39 -4.82 -17.76 17.87
C HIS A 39 -3.54 -18.21 18.57
N VAL A 40 -3.24 -17.60 19.72
CA VAL A 40 -2.10 -18.07 20.52
C VAL A 40 -2.16 -19.59 20.77
N LYS A 41 -3.34 -20.14 21.03
CA LYS A 41 -3.44 -21.57 21.28
C LYS A 41 -3.09 -22.35 20.04
N LEU A 42 -3.46 -21.84 18.87
CA LEU A 42 -3.12 -22.54 17.62
C LEU A 42 -1.64 -22.45 17.33
N VAL A 43 -1.05 -21.26 17.50
CA VAL A 43 0.39 -21.11 17.37
C VAL A 43 1.16 -22.12 18.28
N LYS A 44 0.68 -22.29 19.52
CA LYS A 44 1.34 -23.14 20.45
C LYS A 44 1.21 -24.60 19.99
N GLU A 45 0.05 -25.04 19.49
CA GLU A 45 -0.05 -26.39 18.98
C GLU A 45 0.91 -26.58 17.83
N LEU A 46 1.01 -25.60 16.92
CA LEU A 46 1.87 -25.82 15.76
C LEU A 46 3.35 -25.71 16.15
N THR A 47 3.68 -24.91 17.15
CA THR A 47 5.07 -24.87 17.62
C THR A 47 5.45 -26.20 18.30
N GLU A 48 4.55 -26.79 19.09
CA GLU A 48 4.85 -28.09 19.72
C GLU A 48 5.01 -29.15 18.66
N PHE A 49 4.20 -29.09 17.61
CA PHE A 49 4.40 -30.05 16.58
C PHE A 49 5.73 -29.80 15.80
N ALA A 50 6.07 -28.54 15.58
CA ALA A 50 7.33 -28.25 14.89
C ALA A 50 8.55 -28.84 15.67
N LYS A 51 8.60 -28.56 16.97
CA LYS A 51 9.65 -29.07 17.85
C LYS A 51 9.70 -30.62 17.85
N THR A 52 8.54 -31.29 17.83
CA THR A 52 8.51 -32.74 17.70
C THR A 52 9.19 -33.16 16.39
N CYS A 53 8.88 -32.47 15.26
CA CYS A 53 9.46 -32.84 14.00
C CYS A 53 10.91 -32.46 13.99
N VAL A 54 11.31 -31.40 14.68
CA VAL A 54 12.76 -31.02 14.69
C VAL A 54 13.57 -32.19 15.32
N ALA A 55 13.07 -32.72 16.46
CA ALA A 55 13.64 -33.87 17.21
C ALA A 55 13.65 -35.11 16.34
N ASP A 56 12.54 -35.35 15.66
CA ASP A 56 12.47 -36.50 14.84
C ASP A 56 11.64 -36.24 13.56
N GLU A 57 12.38 -36.02 12.46
CA GLU A 57 11.73 -35.68 11.20
C GLU A 57 10.86 -36.76 10.58
N SER A 58 11.06 -38.01 11.02
CA SER A 58 10.29 -39.15 10.50
C SER A 58 8.97 -39.33 11.26
N HIS A 59 8.77 -38.56 12.33
CA HIS A 59 7.56 -38.61 13.15
C HIS A 59 6.34 -38.42 12.26
N ALA A 60 5.24 -39.12 12.56
CA ALA A 60 4.06 -39.10 11.69
C ALA A 60 3.57 -37.68 11.40
N GLY A 61 3.29 -37.35 10.14
CA GLY A 61 2.74 -36.04 9.79
C GLY A 61 3.81 -34.94 9.60
N CYS A 62 5.06 -35.17 9.99
CA CYS A 62 6.14 -34.17 9.78
C CYS A 62 6.45 -33.88 8.29
N ASP A 63 5.84 -34.70 7.44
CA ASP A 63 6.12 -34.64 6.03
C ASP A 63 4.97 -33.87 5.39
N LYS A 64 3.92 -33.46 6.12
CA LYS A 64 2.90 -32.67 5.46
C LYS A 64 3.52 -31.33 5.07
N SER A 65 2.99 -30.73 3.99
CA SER A 65 3.26 -29.35 3.59
C SER A 65 2.91 -28.47 4.74
N LEU A 66 3.79 -27.53 4.99
CA LEU A 66 3.52 -26.54 6.01
C LEU A 66 2.17 -25.86 5.78
N HIS A 67 1.89 -25.47 4.57
CA HIS A 67 0.61 -24.84 4.29
C HIS A 67 -0.58 -25.75 4.51
N THR A 68 -0.43 -27.00 4.15
CA THR A 68 -1.43 -28.03 4.47
C THR A 68 -1.70 -28.15 5.96
N LEU A 69 -0.64 -28.25 6.79
CA LEU A 69 -0.77 -28.25 8.29
C LEU A 69 -1.52 -27.02 8.80
N PHE A 70 -1.17 -25.87 8.25
CA PHE A 70 -1.79 -24.63 8.70
C PHE A 70 -3.29 -24.57 8.32
N GLY A 71 -3.59 -24.90 7.08
CA GLY A 71 -4.98 -25.07 6.61
C GLY A 71 -5.80 -25.99 7.48
N ASP A 72 -5.22 -27.14 7.83
CA ASP A 72 -5.85 -28.06 8.75
C ASP A 72 -6.23 -27.47 10.08
N GLU A 73 -5.35 -26.67 10.67
CA GLU A 73 -5.70 -25.95 11.90
C GLU A 73 -6.90 -24.99 11.66
N LEU A 74 -6.92 -24.30 10.52
CA LEU A 74 -8.00 -23.36 10.19
C LEU A 74 -9.35 -24.06 10.15
N CYS A 75 -9.45 -25.09 9.31
CA CYS A 75 -10.61 -25.96 9.19
C CYS A 75 -10.99 -26.73 10.42
N LYS A 76 -10.17 -26.78 11.45
CA LYS A 76 -10.59 -27.40 12.71
C LYS A 76 -11.09 -26.35 13.72
N VAL A 77 -11.33 -25.15 13.23
CA VAL A 77 -11.79 -24.05 14.09
C VAL A 77 -13.30 -24.15 14.19
N ALA A 78 -13.78 -24.45 15.40
CA ALA A 78 -15.23 -24.61 15.66
C ALA A 78 -16.09 -23.41 15.22
N THR A 79 -15.59 -22.20 15.44
CA THR A 79 -16.37 -21.01 15.12
C THR A 79 -16.15 -20.50 13.64
N LEU A 80 -15.59 -21.37 12.78
CA LEU A 80 -15.28 -21.04 11.37
C LEU A 80 -16.55 -20.55 10.54
N ARG A 81 -17.49 -21.46 10.27
CA ARG A 81 -18.81 -21.13 9.69
C ARG A 81 -19.57 -20.04 10.46
N GLU A 82 -19.79 -20.25 11.76
CA GLU A 82 -20.43 -19.24 12.62
C GLU A 82 -19.93 -17.79 12.33
N THR A 83 -18.60 -17.58 12.37
CA THR A 83 -17.97 -16.25 12.20
C THR A 83 -17.62 -15.87 10.75
N TYR A 84 -17.18 -16.83 9.94
CA TYR A 84 -16.68 -16.52 8.59
C TYR A 84 -17.58 -17.05 7.45
N GLY A 85 -18.79 -17.50 7.80
CA GLY A 85 -19.72 -17.94 6.79
C GLY A 85 -19.12 -18.97 5.85
N ASP A 86 -19.23 -18.70 4.56
CA ASP A 86 -18.96 -19.72 3.55
C ASP A 86 -17.46 -19.84 3.26
N MET A 87 -16.66 -19.12 4.06
CA MET A 87 -15.23 -19.37 4.14
C MET A 87 -14.99 -20.82 4.57
N ALA A 88 -15.90 -21.33 5.41
CA ALA A 88 -15.90 -22.72 5.85
C ALA A 88 -16.13 -23.68 4.70
N ASP A 89 -16.68 -23.21 3.56
CA ASP A 89 -16.72 -24.07 2.34
C ASP A 89 -15.33 -24.37 1.79
N CYS A 90 -14.39 -23.46 2.04
CA CYS A 90 -13.02 -23.63 1.58
C CYS A 90 -12.46 -24.98 2.09
N CYS A 91 -12.95 -25.43 3.25
CA CYS A 91 -12.55 -26.71 3.85
C CYS A 91 -12.78 -27.97 3.00
N GLU A 92 -13.75 -27.93 2.11
CA GLU A 92 -14.00 -29.01 1.14
C GLU A 92 -12.91 -29.17 0.07
N LYS A 93 -12.10 -28.14 -0.16
CA LYS A 93 -11.10 -28.20 -1.23
C LYS A 93 -9.73 -28.90 -0.92
N GLN A 94 -9.03 -29.25 -1.98
CA GLN A 94 -7.64 -29.65 -1.91
C GLN A 94 -6.74 -28.42 -2.12
N GLU A 95 -5.52 -28.53 -1.63
CA GLU A 95 -4.48 -27.57 -1.94
C GLU A 95 -4.10 -27.69 -3.43
N PRO A 96 -3.74 -26.60 -4.12
CA PRO A 96 -3.67 -25.25 -3.55
C PRO A 96 -4.99 -24.44 -3.57
N GLU A 97 -6.12 -25.08 -3.97
CA GLU A 97 -7.43 -24.38 -4.14
C GLU A 97 -8.03 -23.99 -2.81
N ARG A 98 -8.00 -24.90 -1.84
CA ARG A 98 -8.32 -24.53 -0.47
C ARG A 98 -7.67 -23.14 -0.06
N ASN A 99 -6.34 -23.03 -0.16
CA ASN A 99 -5.66 -21.81 0.17
C ASN A 99 -6.15 -20.62 -0.65
N GLU A 100 -6.30 -20.80 -1.98
CA GLU A 100 -6.76 -19.65 -2.79
CA GLU A 100 -6.79 -19.76 -2.88
C GLU A 100 -8.15 -19.24 -2.36
N CYS A 101 -8.94 -20.18 -1.83
CA CYS A 101 -10.25 -19.90 -1.38
C CYS A 101 -10.23 -19.09 -0.04
N PHE A 102 -9.40 -19.56 0.87
CA PHE A 102 -9.14 -18.79 2.07
C PHE A 102 -8.68 -17.37 1.76
N LEU A 103 -7.75 -17.21 0.82
CA LEU A 103 -7.24 -15.88 0.49
C LEU A 103 -8.34 -14.99 -0.03
N ASN A 104 -9.28 -15.61 -0.76
CA ASN A 104 -10.46 -14.91 -1.25
C ASN A 104 -11.28 -14.32 -0.11
N HIS A 105 -11.20 -14.87 1.09
CA HIS A 105 -12.02 -14.27 2.14
C HIS A 105 -11.29 -13.26 3.01
N LYS A 106 -10.04 -12.94 2.73
CA LYS A 106 -9.37 -11.98 3.55
C LYS A 106 -10.16 -10.68 3.40
N ASP A 107 -10.35 -9.93 4.45
CA ASP A 107 -11.11 -8.71 4.37
C ASP A 107 -10.19 -7.46 4.49
N ASP A 108 -10.12 -6.72 3.39
CA ASP A 108 -9.41 -5.49 3.32
C ASP A 108 -9.94 -4.33 4.18
N SER A 109 -11.18 -4.34 4.60
CA SER A 109 -11.69 -3.27 5.45
CA SER A 109 -11.68 -3.26 5.45
C SER A 109 -12.58 -3.89 6.50
N PRO A 110 -11.94 -4.55 7.49
CA PRO A 110 -12.72 -5.26 8.46
C PRO A 110 -13.43 -4.33 9.45
N ASP A 111 -13.09 -3.02 9.48
CA ASP A 111 -13.81 -2.02 10.31
C ASP A 111 -13.84 -2.51 11.78
N LEU A 112 -12.66 -2.88 12.25
CA LEU A 112 -12.36 -3.24 13.61
C LEU A 112 -12.28 -1.98 14.51
N PRO A 113 -12.40 -2.11 15.87
CA PRO A 113 -12.33 -0.87 16.70
C PRO A 113 -11.04 -0.17 16.44
N LYS A 114 -11.09 1.15 16.45
CA LYS A 114 -9.95 2.03 16.31
C LYS A 114 -9.10 1.80 17.53
N LEU A 115 -7.80 1.66 17.33
CA LEU A 115 -6.88 1.46 18.46
C LEU A 115 -6.50 2.85 18.95
N LYS A 116 -6.86 3.13 20.20
CA LYS A 116 -6.47 4.34 20.89
C LYS A 116 -5.28 4.02 21.77
N PRO A 117 -4.15 4.69 21.54
CA PRO A 117 -3.03 4.50 22.49
C PRO A 117 -3.31 5.09 23.90
N GLU A 118 -3.48 4.26 24.93
CA GLU A 118 -3.58 4.77 26.29
C GLU A 118 -2.23 4.52 27.00
N PRO A 119 -1.35 5.55 27.06
CA PRO A 119 0.03 5.28 27.47
C PRO A 119 0.18 4.63 28.84
N ASP A 120 -0.71 4.92 29.78
CA ASP A 120 -0.55 4.33 31.10
C ASP A 120 -0.84 2.85 31.11
N THR A 121 -1.97 2.47 30.51
CA THR A 121 -2.33 1.06 30.32
C THR A 121 -1.25 0.26 29.54
N LEU A 122 -0.78 0.83 28.43
CA LEU A 122 0.12 0.12 27.55
C LEU A 122 1.43 -0.16 28.25
N CYS A 123 1.95 0.84 28.96
CA CYS A 123 3.18 0.67 29.73
C CYS A 123 3.04 -0.38 30.82
N ALA A 124 1.88 -0.44 31.45
CA ALA A 124 1.60 -1.51 32.44
C ALA A 124 1.60 -2.89 31.77
N GLU A 125 0.84 -3.06 30.66
CA GLU A 125 0.83 -4.30 29.83
C GLU A 125 2.25 -4.71 29.47
N PHE A 126 3.01 -3.74 28.94
CA PHE A 126 4.37 -3.97 28.51
C PHE A 126 5.24 -4.48 29.66
N LYS A 127 5.14 -3.84 30.83
CA LYS A 127 5.99 -4.18 31.97
C LYS A 127 5.56 -5.58 32.49
N ALA A 128 4.25 -5.81 32.51
CA ALA A 128 3.62 -7.09 32.87
C ALA A 128 4.28 -8.24 32.07
N ASP A 129 4.18 -8.22 30.73
CA ASP A 129 4.70 -9.29 29.89
C ASP A 129 5.00 -8.79 28.47
N GLU A 130 6.29 -8.71 28.17
CA GLU A 130 6.80 -8.12 26.96
C GLU A 130 6.49 -8.94 25.74
N LYS A 131 6.49 -10.26 25.89
CA LYS A 131 6.31 -11.17 24.76
C LYS A 131 4.82 -11.07 24.38
N LYS A 132 3.95 -11.17 25.37
CA LYS A 132 2.55 -11.00 25.12
C LYS A 132 2.25 -9.68 24.42
N PHE A 133 2.83 -8.60 24.95
CA PHE A 133 2.71 -7.28 24.38
C PHE A 133 3.16 -7.28 22.88
N TRP A 134 4.32 -7.88 22.61
CA TRP A 134 4.81 -8.08 21.23
C TRP A 134 3.78 -8.85 20.35
N GLY A 135 3.30 -9.98 20.86
CA GLY A 135 2.35 -10.82 20.07
C GLY A 135 1.08 -10.01 19.82
N LYS A 136 0.64 -9.19 20.81
CA LYS A 136 -0.65 -8.48 20.71
C LYS A 136 -0.52 -7.43 19.60
N TYR A 137 0.66 -6.82 19.47
CA TYR A 137 0.93 -5.89 18.38
C TYR A 137 0.86 -6.62 17.00
N LEU A 138 1.46 -7.81 16.86
CA LEU A 138 1.44 -8.55 15.60
C LEU A 138 -0.02 -8.90 15.27
N TYR A 139 -0.73 -9.38 16.29
CA TYR A 139 -2.15 -9.72 16.06
C TYR A 139 -3.00 -8.50 15.61
N GLU A 140 -2.88 -7.36 16.32
CA GLU A 140 -3.76 -6.18 16.03
C GLU A 140 -3.44 -5.59 14.65
N VAL A 141 -2.17 -5.56 14.26
CA VAL A 141 -1.88 -5.03 12.95
C VAL A 141 -2.31 -6.03 11.83
N ALA A 142 -1.93 -7.30 12.02
CA ALA A 142 -2.11 -8.30 10.95
C ALA A 142 -3.59 -8.50 10.70
N ARG A 143 -4.44 -8.41 11.72
CA ARG A 143 -5.84 -8.65 11.49
C ARG A 143 -6.48 -7.46 10.82
N ARG A 144 -5.85 -6.27 10.95
CA ARG A 144 -6.37 -5.07 10.27
C ARG A 144 -5.79 -4.99 8.89
N HIS A 145 -4.67 -5.69 8.66
CA HIS A 145 -3.94 -5.51 7.37
C HIS A 145 -3.59 -6.94 6.92
N PRO A 146 -4.54 -7.64 6.33
CA PRO A 146 -4.36 -9.11 6.15
C PRO A 146 -3.36 -9.48 5.03
N TYR A 147 -2.85 -8.48 4.26
CA TYR A 147 -1.79 -8.69 3.35
C TYR A 147 -0.48 -8.07 3.80
N PHE A 148 -0.40 -7.64 5.05
CA PHE A 148 0.80 -7.01 5.54
C PHE A 148 1.97 -7.96 5.29
N TYR A 149 3.07 -7.42 4.75
CA TYR A 149 4.30 -8.20 4.49
C TYR A 149 4.91 -8.75 5.80
N ALA A 150 4.80 -10.04 6.01
CA ALA A 150 4.90 -10.63 7.38
C ALA A 150 6.28 -10.41 8.06
N PRO A 151 7.43 -10.71 7.34
CA PRO A 151 8.72 -10.41 8.03
C PRO A 151 8.91 -8.95 8.40
N GLU A 152 8.40 -7.97 7.61
CA GLU A 152 8.50 -6.56 8.00
C GLU A 152 7.71 -6.33 9.25
N LEU A 153 6.58 -7.04 9.40
CA LEU A 153 5.72 -6.81 10.63
C LEU A 153 6.54 -7.26 11.86
N LEU A 154 7.35 -8.31 11.72
CA LEU A 154 8.22 -8.76 12.82
C LEU A 154 9.24 -7.65 13.21
N TYR A 155 9.84 -7.02 12.22
CA TYR A 155 10.67 -5.87 12.38
C TYR A 155 9.93 -4.70 13.10
N TYR A 156 8.75 -4.34 12.63
CA TYR A 156 7.99 -3.28 13.27
C TYR A 156 7.63 -3.60 14.74
N ALA A 157 7.31 -4.86 15.00
CA ALA A 157 6.99 -5.29 16.37
C ALA A 157 8.24 -5.14 17.28
N ASN A 158 9.42 -5.56 16.83
CA ASN A 158 10.64 -5.24 17.61
C ASN A 158 10.80 -3.75 17.85
N LYS A 159 10.50 -2.90 16.86
CA LYS A 159 10.68 -1.46 17.09
C LYS A 159 9.63 -0.90 18.04
N TYR A 160 8.41 -1.39 17.92
CA TYR A 160 7.34 -1.09 18.82
C TYR A 160 7.72 -1.43 20.31
N ASN A 161 8.22 -2.64 20.57
CA ASN A 161 8.79 -2.98 21.89
C ASN A 161 9.88 -2.02 22.37
N GLY A 162 10.81 -1.64 21.48
CA GLY A 162 11.87 -0.66 21.77
C GLY A 162 11.25 0.67 22.21
N VAL A 163 10.16 1.09 21.56
CA VAL A 163 9.55 2.36 21.90
C VAL A 163 9.08 2.28 23.36
N PHE A 164 8.46 1.16 23.74
CA PHE A 164 7.99 1.07 25.12
C PHE A 164 9.09 0.91 26.18
N GLN A 165 10.17 0.23 25.82
CA GLN A 165 11.36 0.15 26.63
C GLN A 165 11.87 1.55 27.04
N GLU A 166 12.02 2.46 26.09
CA GLU A 166 12.49 3.79 26.37
C GLU A 166 11.40 4.59 27.06
N CYS A 167 10.23 4.67 26.46
CA CYS A 167 9.23 5.59 26.96
C CYS A 167 8.55 5.26 28.27
N CYS A 168 8.56 4.00 28.68
CA CYS A 168 7.81 3.68 29.87
C CYS A 168 8.56 4.14 31.13
N GLN A 169 9.88 4.24 31.05
CA GLN A 169 10.72 4.79 32.09
C GLN A 169 10.52 6.31 32.29
N ALA A 170 10.02 7.03 31.29
CA ALA A 170 9.77 8.47 31.45
C ALA A 170 8.64 8.77 32.46
N GLU A 171 8.62 10.02 32.96
CA GLU A 171 7.59 10.54 33.88
CA GLU A 171 7.55 10.45 33.89
C GLU A 171 6.28 10.87 33.15
N ASP A 172 6.42 11.66 32.09
CA ASP A 172 5.35 11.85 31.13
C ASP A 172 5.53 10.75 30.04
N LYS A 173 4.81 9.65 30.21
CA LYS A 173 4.91 8.53 29.27
C LYS A 173 4.27 8.95 27.94
N GLY A 174 3.05 9.49 28.03
CA GLY A 174 2.31 10.15 26.97
C GLY A 174 3.13 10.98 26.01
N ALA A 175 4.02 11.83 26.54
CA ALA A 175 4.74 12.81 25.70
C ALA A 175 5.86 12.15 24.92
N CYS A 176 6.42 11.09 25.50
CA CYS A 176 7.43 10.29 24.83
C CYS A 176 6.76 9.35 23.76
N LEU A 177 5.72 8.63 24.18
CA LEU A 177 5.04 7.61 23.38
C LEU A 177 4.31 8.10 22.15
N LEU A 178 3.42 9.07 22.34
CA LEU A 178 2.42 9.37 21.31
C LEU A 178 3.00 9.80 19.96
N PRO A 179 4.00 10.71 19.97
CA PRO A 179 4.65 11.02 18.71
C PRO A 179 5.36 9.82 18.04
N LYS A 180 5.88 8.88 18.83
CA LYS A 180 6.47 7.68 18.28
C LYS A 180 5.42 6.73 17.67
N ILE A 181 4.29 6.52 18.35
CA ILE A 181 3.16 5.76 17.84
C ILE A 181 2.72 6.34 16.53
N ASP A 182 2.59 7.66 16.48
CA ASP A 182 2.10 8.34 15.31
C ASP A 182 2.99 8.11 14.13
N ALA A 183 4.30 8.22 14.36
CA ALA A 183 5.33 7.97 13.36
C ALA A 183 5.18 6.49 12.88
N MET A 184 5.05 5.58 13.82
CA MET A 184 4.92 4.15 13.50
C MET A 184 3.73 3.87 12.63
N ARG A 185 2.60 4.44 13.01
CA ARG A 185 1.37 4.24 12.37
C ARG A 185 1.42 4.69 10.92
N GLU A 186 2.09 5.82 10.62
CA GLU A 186 2.15 6.22 9.25
CA GLU A 186 2.31 6.31 9.26
C GLU A 186 3.06 5.27 8.45
N LYS A 187 4.18 4.82 9.03
CA LYS A 187 5.10 3.97 8.34
C LYS A 187 4.43 2.59 8.09
N VAL A 188 3.62 2.14 9.02
CA VAL A 188 3.01 0.81 8.93
C VAL A 188 1.82 0.82 7.93
N LEU A 189 1.07 1.91 7.87
CA LEU A 189 0.01 2.04 6.87
C LEU A 189 0.56 2.10 5.42
N ALA A 190 1.66 2.85 5.23
CA ALA A 190 2.33 2.96 3.92
C ALA A 190 2.82 1.54 3.54
N SER A 191 3.42 0.84 4.51
CA SER A 191 4.02 -0.46 4.28
C SER A 191 2.91 -1.41 3.88
N SER A 192 1.81 -1.40 4.62
CA SER A 192 0.64 -2.22 4.30
C SER A 192 0.16 -1.97 2.87
N ALA A 193 0.02 -0.68 2.52
CA ALA A 193 -0.48 -0.36 1.19
C ALA A 193 0.51 -0.80 0.08
N ARG A 194 1.80 -0.63 0.31
CA ARG A 194 2.84 -1.10 -0.64
C ARG A 194 2.74 -2.61 -0.92
N GLN A 195 2.68 -3.40 0.15
CA GLN A 195 2.56 -4.85 -0.01
C GLN A 195 1.21 -5.19 -0.65
N ARG A 196 0.16 -4.45 -0.28
CA ARG A 196 -1.20 -4.68 -0.86
C ARG A 196 -1.13 -4.50 -2.40
N LEU A 197 -0.34 -3.50 -2.81
CA LEU A 197 -0.22 -3.25 -4.26
C LEU A 197 0.60 -4.40 -4.91
N ARG A 198 1.69 -4.85 -4.24
CA ARG A 198 2.41 -6.01 -4.80
C ARG A 198 1.47 -7.20 -4.94
N CYS A 199 0.64 -7.49 -3.91
CA CYS A 199 -0.31 -8.65 -4.02
C CYS A 199 -1.35 -8.42 -5.13
N ALA A 200 -1.91 -7.20 -5.20
CA ALA A 200 -2.95 -7.00 -6.20
C ALA A 200 -2.27 -7.08 -7.62
N SER A 201 -1.04 -6.58 -7.79
CA SER A 201 -0.30 -6.69 -9.09
C SER A 201 -0.20 -8.16 -9.51
N ILE A 202 0.35 -8.98 -8.65
CA ILE A 202 0.54 -10.40 -8.95
C ILE A 202 -0.81 -10.99 -9.36
N GLN A 203 -1.82 -10.82 -8.52
CA GLN A 203 -3.08 -11.46 -8.70
C GLN A 203 -3.83 -10.96 -9.92
N LYS A 204 -3.86 -9.66 -10.19
CA LYS A 204 -4.65 -9.14 -11.29
C LYS A 204 -3.89 -8.92 -12.61
N PHE A 205 -2.58 -8.82 -12.54
CA PHE A 205 -1.85 -8.50 -13.78
C PHE A 205 -0.74 -9.53 -14.05
N GLY A 206 -0.56 -10.53 -13.21
CA GLY A 206 0.53 -11.45 -13.36
C GLY A 206 1.80 -11.07 -12.62
N GLU A 207 2.58 -12.09 -12.27
CA GLU A 207 3.84 -11.88 -11.67
C GLU A 207 4.85 -11.11 -12.53
N ARG A 208 4.72 -11.18 -13.86
CA ARG A 208 5.55 -10.34 -14.75
C ARG A 208 5.36 -8.84 -14.48
N ALA A 209 4.14 -8.43 -14.14
CA ALA A 209 3.92 -7.01 -13.82
C ALA A 209 4.71 -6.58 -12.64
N LEU A 210 4.73 -7.37 -11.57
CA LEU A 210 5.48 -7.00 -10.44
C LEU A 210 6.97 -7.06 -10.77
N LYS A 211 7.40 -8.05 -11.54
CA LYS A 211 8.80 -8.09 -11.92
C LYS A 211 9.27 -6.82 -12.66
N ALA A 212 8.44 -6.34 -13.58
CA ALA A 212 8.79 -5.15 -14.27
C ALA A 212 8.91 -3.99 -13.30
N TRP A 213 7.94 -3.83 -12.39
CA TRP A 213 8.05 -2.75 -11.39
C TRP A 213 9.41 -2.88 -10.61
N SER A 214 9.80 -4.10 -10.23
CA SER A 214 10.97 -4.26 -9.40
C SER A 214 12.24 -4.08 -10.21
N VAL A 215 12.27 -4.49 -11.48
CA VAL A 215 13.43 -4.20 -12.32
C VAL A 215 13.68 -2.68 -12.30
N ALA A 216 12.62 -1.89 -12.49
CA ALA A 216 12.81 -0.44 -12.60
C ALA A 216 13.35 0.03 -11.22
N ARG A 217 12.76 -0.43 -10.11
CA ARG A 217 13.11 0.08 -8.80
CA ARG A 217 13.12 0.07 -8.77
C ARG A 217 14.52 -0.38 -8.38
N LEU A 218 14.86 -1.63 -8.62
CA LEU A 218 16.15 -2.13 -8.25
C LEU A 218 17.27 -1.47 -9.12
N SER A 219 17.01 -1.26 -10.42
CA SER A 219 18.03 -0.67 -11.28
C SER A 219 18.33 0.73 -10.80
N GLN A 220 17.34 1.48 -10.29
CA GLN A 220 17.62 2.85 -9.74
C GLN A 220 18.37 2.79 -8.43
N LYS A 221 18.12 1.79 -7.57
CA LYS A 221 18.76 1.66 -6.26
C LYS A 221 20.23 1.24 -6.49
N PHE A 222 20.44 0.30 -7.42
CA PHE A 222 21.75 -0.42 -7.63
C PHE A 222 22.25 -0.14 -9.05
N PRO A 223 22.44 1.16 -9.44
CA PRO A 223 22.76 1.48 -10.85
C PRO A 223 24.12 0.96 -11.37
N LYS A 224 25.04 0.60 -10.46
CA LYS A 224 26.23 -0.10 -10.98
C LYS A 224 26.06 -1.59 -11.29
N ALA A 225 25.00 -2.24 -10.82
CA ALA A 225 24.75 -3.66 -11.05
C ALA A 225 24.51 -3.99 -12.53
N ASP A 226 25.03 -5.11 -13.01
CA ASP A 226 24.69 -5.63 -14.34
C ASP A 226 23.21 -6.01 -14.46
N PHE A 227 22.68 -6.02 -15.68
CA PHE A 227 21.33 -6.40 -15.92
C PHE A 227 20.98 -7.79 -15.30
N THR A 228 21.87 -8.77 -15.47
CA THR A 228 21.58 -10.08 -14.93
C THR A 228 21.74 -10.17 -13.44
N ASP A 229 22.48 -9.26 -12.80
CA ASP A 229 22.44 -9.22 -11.33
C ASP A 229 21.05 -8.72 -10.89
N VAL A 230 20.56 -7.65 -11.53
CA VAL A 230 19.23 -7.14 -11.24
C VAL A 230 18.14 -8.21 -11.51
N THR A 231 18.19 -8.90 -12.65
CA THR A 231 17.12 -9.88 -12.95
C THR A 231 17.17 -11.04 -11.95
N LYS A 232 18.37 -11.39 -11.47
CA LYS A 232 18.43 -12.49 -10.47
C LYS A 232 17.77 -12.06 -9.15
N ILE A 233 18.14 -10.85 -8.66
CA ILE A 233 17.61 -10.34 -7.41
C ILE A 233 16.09 -10.13 -7.57
N VAL A 234 15.65 -9.48 -8.66
CA VAL A 234 14.23 -9.25 -8.87
C VAL A 234 13.47 -10.59 -8.86
N THR A 235 14.06 -11.63 -9.47
CA THR A 235 13.42 -12.92 -9.47
C THR A 235 13.27 -13.48 -8.07
N ASP A 236 14.34 -13.46 -7.26
CA ASP A 236 14.23 -13.99 -5.90
C ASP A 236 13.25 -13.12 -5.08
N LEU A 237 13.34 -11.78 -5.24
CA LEU A 237 12.52 -10.89 -4.51
C LEU A 237 11.03 -11.09 -4.86
N THR A 238 10.74 -11.29 -6.14
CA THR A 238 9.37 -11.50 -6.53
C THR A 238 8.80 -12.82 -5.98
N LYS A 239 9.60 -13.87 -5.98
CA LYS A 239 9.18 -15.10 -5.32
C LYS A 239 8.92 -14.85 -3.81
N VAL A 240 9.76 -14.07 -3.13
CA VAL A 240 9.49 -13.78 -1.72
C VAL A 240 8.09 -13.08 -1.57
N HIS A 241 7.88 -12.03 -2.39
CA HIS A 241 6.68 -11.24 -2.32
C HIS A 241 5.45 -12.10 -2.60
N LYS A 242 5.55 -12.97 -3.58
CA LYS A 242 4.46 -13.80 -3.97
C LYS A 242 4.13 -14.83 -2.85
N GLU A 243 5.17 -15.44 -2.26
CA GLU A 243 5.01 -16.34 -1.15
C GLU A 243 4.25 -15.60 0.01
N CYS A 244 4.70 -14.41 0.42
CA CYS A 244 3.96 -13.65 1.41
C CYS A 244 2.54 -13.33 0.97
N CYS A 245 2.32 -12.88 -0.28
CA CYS A 245 0.96 -12.66 -0.80
C CYS A 245 0.10 -13.93 -0.80
N HIS A 246 0.70 -15.11 -0.94
CA HIS A 246 -0.08 -16.35 -0.94
C HIS A 246 -0.27 -16.97 0.47
N GLY A 247 0.18 -16.25 1.49
CA GLY A 247 0.06 -16.71 2.89
C GLY A 247 1.14 -17.73 3.26
N ASP A 248 2.12 -17.99 2.41
CA ASP A 248 3.22 -18.90 2.77
C ASP A 248 4.27 -18.12 3.58
N LEU A 249 3.94 -17.82 4.81
CA LEU A 249 4.65 -16.78 5.48
C LEU A 249 6.01 -17.26 5.96
N LEU A 250 6.09 -18.54 6.38
CA LEU A 250 7.40 -19.05 6.87
C LEU A 250 8.39 -19.15 5.71
N GLU A 251 7.92 -19.67 4.57
CA GLU A 251 8.73 -19.77 3.36
C GLU A 251 9.15 -18.34 2.89
N CYS A 252 8.20 -17.40 2.86
CA CYS A 252 8.48 -15.98 2.50
C CYS A 252 9.61 -15.41 3.41
N ALA A 253 9.51 -15.64 4.73
CA ALA A 253 10.50 -15.11 5.64
C ALA A 253 11.87 -15.78 5.47
N ASP A 254 11.83 -17.09 5.28
CA ASP A 254 13.06 -17.88 5.15
C ASP A 254 13.76 -17.46 3.83
N ASP A 255 12.99 -17.39 2.73
CA ASP A 255 13.53 -16.90 1.47
C ASP A 255 14.03 -15.45 1.51
N ARG A 256 13.31 -14.61 2.23
CA ARG A 256 13.76 -13.25 2.36
C ARG A 256 15.15 -13.19 3.04
N ALA A 257 15.32 -13.99 4.11
CA ALA A 257 16.58 -14.01 4.81
C ALA A 257 17.67 -14.49 3.87
N ASP A 258 17.39 -15.54 3.06
CA ASP A 258 18.40 -16.00 2.07
C ASP A 258 18.77 -14.90 1.05
N LEU A 259 17.79 -14.08 0.66
CA LEU A 259 18.01 -13.01 -0.30
C LEU A 259 18.87 -11.89 0.31
N ALA A 260 18.59 -11.54 1.58
CA ALA A 260 19.35 -10.53 2.29
C ALA A 260 20.82 -10.98 2.37
N LYS A 261 21.01 -12.25 2.69
CA LYS A 261 22.34 -12.77 2.75
C LYS A 261 23.10 -12.75 1.37
N TYR A 262 22.40 -13.16 0.31
CA TYR A 262 22.92 -13.08 -1.00
C TYR A 262 23.35 -11.62 -1.36
N ILE A 263 22.46 -10.66 -1.13
CA ILE A 263 22.75 -9.27 -1.44
C ILE A 263 23.99 -8.78 -0.60
N CYS A 264 24.05 -9.13 0.68
CA CYS A 264 25.23 -8.80 1.43
C CYS A 264 26.48 -9.52 0.97
N ASP A 265 26.42 -10.78 0.53
CA ASP A 265 27.61 -11.44 0.00
C ASP A 265 28.07 -10.79 -1.30
N HIS A 266 27.15 -10.14 -2.02
CA HIS A 266 27.46 -9.55 -3.31
C HIS A 266 27.45 -8.05 -3.32
N GLN A 267 27.56 -7.47 -2.14
CA GLN A 267 27.35 -6.05 -2.01
C GLN A 267 28.30 -5.19 -2.87
N ASP A 268 29.48 -5.72 -3.18
CA ASP A 268 30.49 -5.02 -3.98
CA ASP A 268 30.40 -4.91 -3.95
C ASP A 268 30.00 -4.82 -5.41
N ALA A 269 29.26 -5.79 -5.92
CA ALA A 269 28.80 -5.72 -7.26
C ALA A 269 27.51 -4.91 -7.32
N LEU A 270 26.98 -4.46 -6.18
CA LEU A 270 25.59 -3.95 -6.16
C LEU A 270 25.49 -2.50 -5.74
N SER A 271 26.02 -2.15 -4.58
CA SER A 271 25.89 -0.78 -4.07
C SER A 271 26.78 -0.61 -2.86
N SER A 272 27.42 0.55 -2.74
CA SER A 272 28.18 0.87 -1.50
C SER A 272 27.24 1.20 -0.36
N LYS A 273 25.95 1.46 -0.61
CA LYS A 273 25.09 1.87 0.50
C LYS A 273 24.77 0.66 1.36
N LEU A 274 25.10 -0.55 0.88
CA LEU A 274 24.70 -1.78 1.55
C LEU A 274 25.50 -2.08 2.82
N LYS A 275 26.66 -1.45 2.96
CA LYS A 275 27.61 -1.77 4.01
C LYS A 275 26.99 -1.61 5.39
N GLU A 276 26.24 -0.53 5.59
CA GLU A 276 25.59 -0.35 6.89
C GLU A 276 24.48 -1.38 7.18
N CYS A 277 23.88 -1.97 6.16
CA CYS A 277 22.83 -2.94 6.38
C CYS A 277 23.40 -4.27 6.84
N CYS A 278 24.60 -4.60 6.38
CA CYS A 278 24.96 -6.00 6.16
C CYS A 278 25.57 -6.60 7.38
N ASP A 279 25.87 -5.76 8.36
CA ASP A 279 26.29 -6.28 9.68
C ASP A 279 25.12 -6.31 10.69
N LYS A 280 23.92 -5.92 10.29
CA LYS A 280 22.77 -5.93 11.20
C LYS A 280 22.17 -7.31 11.39
N PRO A 281 21.47 -7.57 12.53
CA PRO A 281 20.76 -8.86 12.65
C PRO A 281 19.67 -8.95 11.57
N VAL A 282 19.19 -10.18 11.28
CA VAL A 282 18.50 -10.50 10.04
C VAL A 282 17.28 -9.62 9.69
N LEU A 283 16.35 -9.37 10.63
CA LEU A 283 15.17 -8.57 10.30
C LEU A 283 15.54 -7.12 10.02
N GLU A 284 16.44 -6.59 10.84
CA GLU A 284 16.88 -5.24 10.66
C GLU A 284 17.69 -5.12 9.35
N LYS A 285 18.54 -6.12 9.05
CA LYS A 285 19.32 -6.16 7.80
C LYS A 285 18.39 -6.02 6.53
N SER A 286 17.38 -6.86 6.52
CA SER A 286 16.44 -6.89 5.42
C SER A 286 15.67 -5.61 5.27
N HIS A 287 15.14 -5.12 6.35
CA HIS A 287 14.52 -3.82 6.35
C HIS A 287 15.48 -2.75 5.82
N CYS A 288 16.68 -2.72 6.35
CA CYS A 288 17.64 -1.69 5.95
C CYS A 288 17.90 -1.78 4.42
N ILE A 289 18.04 -3.01 3.88
CA ILE A 289 18.26 -3.22 2.45
C ILE A 289 17.03 -2.71 1.63
N ALA A 290 15.81 -3.03 2.07
CA ALA A 290 14.61 -2.55 1.37
C ALA A 290 14.55 -1.05 1.37
N GLU A 291 15.11 -0.40 2.35
CA GLU A 291 14.97 1.07 2.39
C GLU A 291 16.20 1.82 1.97
N VAL A 292 17.20 1.09 1.50
CA VAL A 292 18.48 1.67 1.13
C VAL A 292 18.29 2.85 0.14
N ASP A 293 19.05 3.90 0.29
CA ASP A 293 19.14 4.95 -0.74
C ASP A 293 19.75 4.48 -2.02
N LYS A 294 19.25 5.06 -3.09
CA LYS A 294 19.80 4.98 -4.43
C LYS A 294 21.30 5.23 -4.40
N ASP A 295 22.07 4.30 -4.94
CA ASP A 295 23.51 4.55 -5.07
C ASP A 295 23.72 5.64 -6.18
N ALA A 296 24.90 6.25 -6.14
CA ALA A 296 25.30 7.18 -7.14
C ALA A 296 25.36 6.52 -8.53
N VAL A 297 24.82 7.21 -9.53
CA VAL A 297 24.89 6.76 -10.91
C VAL A 297 26.38 6.73 -11.26
N PRO A 298 26.91 5.61 -11.78
CA PRO A 298 28.34 5.59 -12.21
C PRO A 298 28.64 6.66 -13.27
N GLU A 299 29.88 7.09 -13.33
CA GLU A 299 30.34 7.85 -14.48
C GLU A 299 30.39 6.98 -15.78
N ASN A 300 30.43 7.62 -16.93
CA ASN A 300 30.77 6.90 -18.12
C ASN A 300 29.71 5.97 -18.62
N LEU A 301 28.46 6.04 -18.15
CA LEU A 301 27.43 5.21 -18.83
C LEU A 301 27.18 5.87 -20.18
N PRO A 302 27.23 5.07 -21.28
CA PRO A 302 26.96 5.66 -22.64
C PRO A 302 25.58 6.26 -22.70
N PRO A 303 25.36 7.27 -23.57
CA PRO A 303 23.95 7.77 -23.60
C PRO A 303 23.02 6.69 -24.11
N LEU A 304 21.79 6.75 -23.64
CA LEU A 304 20.73 5.83 -24.06
C LEU A 304 20.48 5.82 -25.52
N THR A 305 20.61 6.98 -26.17
CA THR A 305 20.45 6.99 -27.62
C THR A 305 21.40 6.01 -28.28
N ALA A 306 22.59 5.70 -27.71
CA ALA A 306 23.57 4.83 -28.45
C ALA A 306 22.96 3.47 -28.79
N ASP A 307 22.44 2.73 -27.81
CA ASP A 307 21.78 1.42 -28.12
C ASP A 307 20.35 1.50 -28.64
N PHE A 308 19.62 2.58 -28.37
CA PHE A 308 18.14 2.48 -28.51
C PHE A 308 17.57 3.34 -29.60
N ALA A 309 18.36 4.25 -30.14
CA ALA A 309 17.87 5.15 -31.18
C ALA A 309 18.90 5.30 -32.34
N GLU A 310 20.15 5.54 -31.98
CA GLU A 310 21.23 5.76 -32.96
C GLU A 310 21.67 4.50 -33.74
N ASP A 311 21.73 3.38 -33.07
CA ASP A 311 22.20 2.16 -33.65
C ASP A 311 21.31 1.76 -34.85
N LYS A 312 21.94 1.42 -36.00
CA LYS A 312 21.34 0.90 -37.27
CA LYS A 312 21.17 1.02 -37.20
C LYS A 312 20.47 -0.34 -37.06
N GLU A 313 20.83 -1.13 -36.05
CA GLU A 313 20.31 -2.47 -35.85
C GLU A 313 19.27 -2.61 -34.74
N VAL A 314 18.68 -1.50 -34.31
CA VAL A 314 17.67 -1.61 -33.24
C VAL A 314 16.60 -2.65 -33.56
N CYS A 315 16.01 -2.57 -34.76
CA CYS A 315 14.94 -3.54 -35.14
C CYS A 315 15.38 -4.99 -35.12
N LYS A 316 16.58 -5.24 -35.65
CA LYS A 316 17.07 -6.63 -35.69
C LYS A 316 17.26 -7.11 -34.24
N ASN A 317 17.89 -6.24 -33.41
CA ASN A 317 18.16 -6.54 -32.00
C ASN A 317 16.84 -6.74 -31.26
N TYR A 318 15.88 -5.87 -31.49
CA TYR A 318 14.59 -6.00 -30.86
C TYR A 318 13.90 -7.28 -31.30
N GLN A 319 13.86 -7.55 -32.62
CA GLN A 319 13.09 -8.71 -33.17
C GLN A 319 13.62 -10.08 -32.75
N GLU A 320 14.92 -10.18 -32.54
CA GLU A 320 15.56 -11.40 -32.06
C GLU A 320 15.08 -11.83 -30.67
N ALA A 321 14.89 -10.87 -29.75
CA ALA A 321 14.40 -11.20 -28.42
C ALA A 321 13.73 -9.96 -27.84
N LYS A 322 12.47 -9.74 -28.21
CA LYS A 322 11.72 -8.51 -27.85
C LYS A 322 11.66 -8.30 -26.33
N ASP A 323 11.37 -9.35 -25.56
CA ASP A 323 11.23 -9.19 -24.08
C ASP A 323 12.54 -8.83 -23.42
N VAL A 324 13.64 -9.50 -23.84
CA VAL A 324 14.94 -9.22 -23.30
C VAL A 324 15.39 -7.78 -23.73
N PHE A 325 15.12 -7.38 -24.97
CA PHE A 325 15.49 -6.06 -25.41
C PHE A 325 14.77 -4.94 -24.57
N LEU A 326 13.48 -5.14 -24.32
CA LEU A 326 12.71 -4.16 -23.48
C LEU A 326 13.08 -4.19 -22.01
N GLY A 327 13.35 -5.39 -21.46
CA GLY A 327 13.80 -5.45 -20.04
C GLY A 327 15.12 -4.66 -19.93
N SER A 328 15.95 -4.86 -20.93
CA SER A 328 17.24 -4.19 -20.92
C SER A 328 17.07 -2.63 -21.10
N PHE A 329 16.15 -2.21 -21.98
CA PHE A 329 15.80 -0.82 -22.10
C PHE A 329 15.35 -0.27 -20.76
N LEU A 330 14.48 -0.98 -20.07
CA LEU A 330 13.97 -0.48 -18.81
C LEU A 330 15.10 -0.30 -17.79
N TYR A 331 15.95 -1.31 -17.72
CA TYR A 331 17.06 -1.35 -16.78
C TYR A 331 18.00 -0.19 -17.10
N GLU A 332 18.36 -0.02 -18.37
CA GLU A 332 19.26 1.04 -18.75
C GLU A 332 18.66 2.44 -18.46
N TYR A 333 17.35 2.60 -18.67
CA TYR A 333 16.74 3.92 -18.52
C TYR A 333 16.67 4.23 -17.01
N SER A 334 16.33 3.21 -16.22
CA SER A 334 16.08 3.36 -14.77
C SER A 334 17.37 3.65 -14.00
N ARG A 335 18.46 2.94 -14.35
CA ARG A 335 19.76 3.15 -13.63
C ARG A 335 20.20 4.58 -13.85
N ARG A 336 19.85 5.15 -15.01
CA ARG A 336 20.29 6.48 -15.32
C ARG A 336 19.46 7.59 -14.67
N HIS A 337 18.21 7.26 -14.32
CA HIS A 337 17.30 8.33 -13.96
C HIS A 337 16.65 8.09 -12.59
N PRO A 338 17.42 8.26 -11.50
CA PRO A 338 16.82 8.08 -10.15
C PRO A 338 15.72 9.14 -9.88
N GLU A 339 15.73 10.25 -10.62
CA GLU A 339 14.76 11.31 -10.45
C GLU A 339 13.44 11.00 -11.11
N TYR A 340 13.34 9.97 -11.93
CA TYR A 340 11.98 9.53 -12.46
C TYR A 340 11.26 8.54 -11.53
N ALA A 341 9.95 8.71 -11.40
CA ALA A 341 9.06 7.71 -10.80
C ALA A 341 9.20 6.38 -11.57
N VAL A 342 9.16 5.27 -10.82
CA VAL A 342 9.17 3.98 -11.44
C VAL A 342 8.02 3.86 -12.48
N SER A 343 6.82 4.40 -12.16
CA SER A 343 5.70 4.22 -13.08
CA SER A 343 5.65 4.30 -13.05
C SER A 343 5.98 4.97 -14.36
N VAL A 344 6.70 6.10 -14.29
CA VAL A 344 7.06 6.90 -15.46
C VAL A 344 8.06 6.06 -16.29
N LEU A 345 9.03 5.40 -15.65
CA LEU A 345 9.98 4.50 -16.36
C LEU A 345 9.25 3.32 -17.10
N LEU A 346 8.27 2.71 -16.42
CA LEU A 346 7.43 1.69 -17.07
C LEU A 346 6.64 2.28 -18.24
N ARG A 347 6.10 3.49 -18.07
CA ARG A 347 5.31 4.11 -19.15
C ARG A 347 6.26 4.39 -20.35
N LEU A 348 7.50 4.83 -20.03
CA LEU A 348 8.52 5.10 -21.03
C LEU A 348 8.83 3.79 -21.78
N ALA A 349 8.97 2.68 -21.06
CA ALA A 349 9.37 1.43 -21.73
C ALA A 349 8.18 0.97 -22.64
N LYS A 350 6.93 1.11 -22.16
CA LYS A 350 5.74 0.73 -23.00
C LYS A 350 5.64 1.52 -24.29
N GLU A 351 6.03 2.78 -24.21
CA GLU A 351 5.85 3.65 -25.30
C GLU A 351 7.03 3.41 -26.26
N TYR A 352 8.19 3.02 -25.69
CA TYR A 352 9.28 2.67 -26.53
C TYR A 352 8.92 1.40 -27.32
N GLU A 353 8.36 0.40 -26.64
CA GLU A 353 7.85 -0.79 -27.30
C GLU A 353 6.87 -0.43 -28.46
N ALA A 354 5.85 0.43 -28.19
CA ALA A 354 4.87 0.78 -29.23
C ALA A 354 5.60 1.47 -30.39
N THR A 355 6.61 2.29 -30.12
CA THR A 355 7.31 2.96 -31.19
C THR A 355 8.03 1.95 -32.14
N LEU A 356 8.66 0.94 -31.58
CA LEU A 356 9.39 -0.02 -32.33
C LEU A 356 8.43 -0.92 -33.11
N GLU A 357 7.35 -1.34 -32.49
CA GLU A 357 6.33 -2.07 -33.16
C GLU A 357 5.86 -1.31 -34.41
N ASP A 358 5.55 -0.03 -34.26
CA ASP A 358 5.19 0.81 -35.39
C ASP A 358 6.36 1.00 -36.41
N CYS A 359 7.54 1.44 -35.96
CA CYS A 359 8.64 1.86 -36.86
C CYS A 359 9.30 0.74 -37.63
N CYS A 360 9.36 -0.42 -37.03
CA CYS A 360 10.16 -1.50 -37.57
C CYS A 360 9.46 -2.19 -38.77
N ALA A 361 8.16 -1.94 -38.90
CA ALA A 361 7.32 -2.38 -40.02
C ALA A 361 7.49 -1.48 -41.27
N LYS A 362 7.91 -0.23 -41.09
CA LYS A 362 8.05 0.74 -42.19
C LYS A 362 9.21 0.41 -43.14
N GLU A 363 9.29 1.18 -44.24
CA GLU A 363 10.30 0.99 -45.29
C GLU A 363 11.68 1.30 -44.76
N ASP A 364 11.84 2.53 -44.21
CA ASP A 364 13.03 2.98 -43.49
C ASP A 364 12.75 3.17 -41.97
N PRO A 365 12.91 2.09 -41.17
CA PRO A 365 12.68 2.11 -39.72
C PRO A 365 13.55 3.12 -38.95
N HIS A 366 14.84 3.16 -39.31
CA HIS A 366 15.77 3.99 -38.64
C HIS A 366 15.42 5.47 -38.62
N ALA A 367 14.93 6.01 -39.74
CA ALA A 367 14.53 7.43 -39.78
C ALA A 367 13.37 7.66 -38.83
N CYS A 368 12.53 6.64 -38.66
CA CYS A 368 11.38 6.71 -37.77
C CYS A 368 11.78 6.54 -36.27
N TYR A 369 12.69 5.60 -35.93
CA TYR A 369 12.97 5.35 -34.53
C TYR A 369 14.11 6.24 -33.98
N ALA A 370 14.93 6.86 -34.85
CA ALA A 370 16.03 7.68 -34.42
C ALA A 370 15.55 8.78 -33.48
N THR A 371 14.30 9.22 -33.64
CA THR A 371 13.78 10.35 -32.86
C THR A 371 12.88 9.90 -31.71
N VAL A 372 12.96 8.63 -31.32
CA VAL A 372 12.04 8.11 -30.32
C VAL A 372 12.10 8.91 -28.98
N PHE A 373 13.27 9.39 -28.55
CA PHE A 373 13.38 10.11 -27.23
C PHE A 373 12.61 11.42 -27.23
N ASP A 374 12.47 12.01 -28.40
CA ASP A 374 11.59 13.14 -28.53
C ASP A 374 10.14 12.71 -28.48
N LYS A 375 9.78 11.56 -29.02
CA LYS A 375 8.40 11.12 -28.84
C LYS A 375 8.13 10.73 -27.36
N LEU A 376 9.16 10.37 -26.58
CA LEU A 376 8.97 9.84 -25.21
C LEU A 376 8.82 10.94 -24.20
N LYS A 377 9.39 12.11 -24.49
CA LYS A 377 9.59 13.07 -23.40
C LYS A 377 8.29 13.57 -22.76
N HIS A 378 7.17 13.56 -23.50
CA HIS A 378 5.91 14.01 -22.92
C HIS A 378 5.54 13.14 -21.72
N LEU A 379 6.07 11.91 -21.64
CA LEU A 379 5.83 11.06 -20.45
C LEU A 379 6.56 11.50 -19.20
N VAL A 380 7.58 12.32 -19.35
CA VAL A 380 8.25 12.95 -18.25
C VAL A 380 7.63 14.33 -18.01
N ASP A 381 7.40 15.09 -19.09
CA ASP A 381 6.92 16.47 -18.90
C ASP A 381 5.51 16.54 -18.26
N GLU A 382 4.59 15.64 -18.60
CA GLU A 382 3.19 15.69 -18.09
C GLU A 382 3.19 15.53 -16.54
N PRO A 383 3.74 14.41 -16.00
CA PRO A 383 3.77 14.33 -14.54
C PRO A 383 4.52 15.50 -13.89
N GLN A 384 5.61 15.94 -14.50
CA GLN A 384 6.29 17.10 -13.89
C GLN A 384 5.35 18.32 -13.82
N ASN A 385 4.58 18.56 -14.88
CA ASN A 385 3.69 19.70 -14.87
C ASN A 385 2.58 19.48 -13.81
N LEU A 386 2.04 18.26 -13.70
CA LEU A 386 1.01 17.95 -12.70
C LEU A 386 1.49 18.13 -11.25
N ILE A 387 2.71 17.69 -10.99
CA ILE A 387 3.27 17.78 -9.67
C ILE A 387 3.45 19.24 -9.26
N LYS A 388 3.93 20.08 -10.18
CA LYS A 388 4.08 21.49 -9.89
C LYS A 388 2.70 22.09 -9.58
N LYS A 389 1.71 21.77 -10.42
CA LYS A 389 0.42 22.37 -10.24
CA LYS A 389 0.37 22.32 -10.27
C LYS A 389 -0.27 21.84 -8.95
N ASN A 390 -0.17 20.54 -8.67
CA ASN A 390 -0.79 20.04 -7.42
C ASN A 390 -0.03 20.48 -6.16
N CYS A 391 1.31 20.55 -6.22
CA CYS A 391 2.04 21.07 -5.09
C CYS A 391 1.76 22.58 -4.85
N GLU A 392 1.53 23.35 -5.90
CA GLU A 392 1.08 24.74 -5.70
C GLU A 392 -0.27 24.81 -5.00
N LEU A 393 -1.15 23.93 -5.39
CA LEU A 393 -2.48 23.90 -4.83
C LEU A 393 -2.43 23.52 -3.38
N PHE A 394 -1.61 22.52 -3.07
CA PHE A 394 -1.33 22.14 -1.69
C PHE A 394 -0.80 23.34 -0.87
N GLU A 395 0.20 24.08 -1.39
CA GLU A 395 0.83 25.21 -0.61
C GLU A 395 -0.22 26.34 -0.48
N LYS A 396 -1.09 26.49 -1.46
CA LYS A 396 -2.06 27.55 -1.41
C LYS A 396 -3.11 27.27 -0.29
N HIS A 397 -3.51 26.01 -0.10
CA HIS A 397 -4.65 25.68 0.76
C HIS A 397 -4.24 25.09 2.09
N GLY A 398 -3.05 24.51 2.19
CA GLY A 398 -2.72 23.71 3.35
C GLY A 398 -3.36 22.33 3.20
N GLU A 399 -2.98 21.39 4.06
CA GLU A 399 -3.31 19.99 3.87
C GLU A 399 -4.81 19.78 3.86
N TYR A 400 -5.52 20.42 4.79
CA TYR A 400 -6.97 20.21 4.95
C TYR A 400 -7.75 20.77 3.72
N GLY A 401 -7.44 22.00 3.33
CA GLY A 401 -8.02 22.66 2.16
C GLY A 401 -7.66 21.87 0.89
N PHE A 402 -6.48 21.25 0.86
CA PHE A 402 -6.06 20.51 -0.28
C PHE A 402 -6.91 19.22 -0.33
N GLN A 403 -7.08 18.55 0.83
CA GLN A 403 -7.99 17.40 0.95
C GLN A 403 -9.42 17.75 0.43
N ASN A 404 -9.94 18.89 0.86
CA ASN A 404 -11.25 19.39 0.37
C ASN A 404 -11.28 19.62 -1.15
N ALA A 405 -10.21 20.17 -1.75
CA ALA A 405 -10.14 20.32 -3.22
C ALA A 405 -10.12 18.93 -3.87
N LEU A 406 -9.46 17.97 -3.23
CA LEU A 406 -9.40 16.62 -3.77
C LEU A 406 -10.79 15.89 -3.65
N ILE A 407 -11.49 16.11 -2.52
CA ILE A 407 -12.91 15.65 -2.32
C ILE A 407 -13.74 16.07 -3.53
N VAL A 408 -13.70 17.37 -3.87
CA VAL A 408 -14.50 17.87 -5.00
C VAL A 408 -14.13 17.16 -6.31
N ARG A 409 -12.82 16.97 -6.51
CA ARG A 409 -12.29 16.40 -7.73
C ARG A 409 -12.67 14.94 -7.88
N TYR A 410 -12.46 14.18 -6.82
CA TYR A 410 -12.72 12.79 -6.88
C TYR A 410 -14.19 12.44 -6.86
N THR A 411 -15.01 13.21 -6.12
CA THR A 411 -16.43 12.93 -6.12
C THR A 411 -16.98 13.25 -7.53
N ARG A 412 -16.50 14.34 -8.21
CA ARG A 412 -16.90 14.54 -9.61
C ARG A 412 -16.46 13.36 -10.52
N LYS A 413 -15.28 12.80 -10.26
CA LYS A 413 -14.79 11.76 -11.16
C LYS A 413 -15.55 10.45 -10.90
N ALA A 414 -15.92 10.22 -9.64
CA ALA A 414 -16.37 8.86 -9.25
C ALA A 414 -17.53 9.00 -8.22
N PRO A 415 -18.66 9.62 -8.63
CA PRO A 415 -19.68 9.94 -7.66
C PRO A 415 -20.47 8.71 -7.21
N GLN A 416 -20.36 7.57 -7.87
CA GLN A 416 -21.04 6.38 -7.40
C GLN A 416 -20.32 5.78 -6.22
N VAL A 417 -19.06 6.17 -5.94
CA VAL A 417 -18.27 5.59 -4.87
C VAL A 417 -18.82 5.93 -3.49
N SER A 418 -18.77 5.01 -2.53
CA SER A 418 -19.44 5.33 -1.24
C SER A 418 -18.73 6.54 -0.61
N THR A 419 -19.45 7.29 0.19
CA THR A 419 -18.96 8.51 0.80
C THR A 419 -17.76 8.27 1.69
N PRO A 420 -17.82 7.21 2.57
CA PRO A 420 -16.65 7.01 3.41
C PRO A 420 -15.36 6.68 2.56
N THR A 421 -15.49 5.96 1.44
CA THR A 421 -14.30 5.72 0.62
C THR A 421 -13.82 7.01 -0.04
N LEU A 422 -14.75 7.86 -0.52
CA LEU A 422 -14.33 9.12 -1.17
C LEU A 422 -13.56 9.99 -0.17
N VAL A 423 -14.05 10.03 1.07
CA VAL A 423 -13.39 10.75 2.12
C VAL A 423 -12.00 10.19 2.49
N GLU A 424 -11.93 8.87 2.72
CA GLU A 424 -10.68 8.22 3.06
C GLU A 424 -9.60 8.51 1.93
N ILE A 425 -9.96 8.22 0.68
CA ILE A 425 -9.06 8.36 -0.46
C ILE A 425 -8.61 9.83 -0.63
N SER A 426 -9.55 10.79 -0.60
CA SER A 426 -9.21 12.18 -0.73
C SER A 426 -8.33 12.64 0.42
N ARG A 427 -8.56 12.09 1.64
CA ARG A 427 -7.76 12.52 2.79
C ARG A 427 -6.35 11.98 2.58
N SER A 428 -6.26 10.70 2.18
CA SER A 428 -4.90 10.15 1.93
C SER A 428 -4.18 10.92 0.82
N LEU A 429 -4.86 11.23 -0.31
CA LEU A 429 -4.23 11.98 -1.40
C LEU A 429 -3.72 13.35 -0.92
N GLY A 430 -4.50 14.00 -0.08
CA GLY A 430 -4.08 15.31 0.41
C GLY A 430 -2.80 15.18 1.19
N LYS A 431 -2.63 14.09 1.93
CA LYS A 431 -1.42 13.90 2.74
C LYS A 431 -0.20 13.66 1.87
N VAL A 432 -0.38 13.29 0.61
CA VAL A 432 0.78 13.19 -0.28
C VAL A 432 1.44 14.61 -0.53
N GLY A 433 0.62 15.69 -0.47
CA GLY A 433 1.12 17.07 -0.51
C GLY A 433 2.11 17.27 0.66
N THR A 434 1.68 16.91 1.87
CA THR A 434 2.53 17.00 3.04
C THR A 434 3.79 16.12 2.93
N LYS A 435 3.64 14.92 2.38
CA LYS A 435 4.73 13.99 2.34
C LYS A 435 5.75 14.30 1.27
N CYS A 436 5.37 14.97 0.20
CA CYS A 436 6.27 15.05 -0.96
C CYS A 436 6.60 16.45 -1.42
N CYS A 437 5.70 17.42 -1.22
CA CYS A 437 5.87 18.68 -1.96
C CYS A 437 7.12 19.47 -1.50
N ALA A 438 7.59 19.23 -0.30
CA ALA A 438 8.73 20.03 0.24
C ALA A 438 10.07 19.27 -0.05
N LYS A 439 9.98 18.16 -0.78
CA LYS A 439 11.18 17.35 -1.07
C LYS A 439 12.11 17.95 -2.11
N PRO A 440 13.41 17.48 -2.09
CA PRO A 440 14.31 17.90 -3.16
C PRO A 440 13.68 17.55 -4.53
N GLU A 441 14.04 18.37 -5.49
CA GLU A 441 13.57 18.28 -6.85
C GLU A 441 13.60 16.84 -7.43
N SER A 442 14.67 16.12 -7.17
CA SER A 442 14.87 14.83 -7.79
C SER A 442 14.08 13.70 -7.05
N GLU A 443 13.46 14.03 -5.92
CA GLU A 443 12.72 13.08 -5.17
C GLU A 443 11.23 13.28 -5.35
N ARG A 444 10.79 14.46 -5.85
CA ARG A 444 9.36 14.74 -5.90
C ARG A 444 8.60 13.85 -6.86
N MET A 445 9.13 13.54 -8.08
CA MET A 445 8.36 12.71 -8.97
C MET A 445 8.26 11.25 -8.42
N PRO A 446 9.38 10.61 -8.00
CA PRO A 446 9.21 9.27 -7.37
C PRO A 446 8.26 9.33 -6.14
N CYS A 447 8.38 10.34 -5.30
CA CYS A 447 7.57 10.35 -4.08
C CYS A 447 6.06 10.43 -4.45
N THR A 448 5.65 11.32 -5.35
CA THR A 448 4.22 11.55 -5.48
C THR A 448 3.57 10.38 -6.27
N GLU A 449 4.24 9.93 -7.33
CA GLU A 449 3.75 8.83 -8.14
C GLU A 449 3.68 7.51 -7.28
N ASP A 450 4.70 7.28 -6.45
CA ASP A 450 4.70 6.10 -5.56
CA ASP A 450 4.73 6.11 -5.52
C ASP A 450 3.48 6.15 -4.63
N TYR A 451 3.28 7.26 -3.92
CA TYR A 451 2.12 7.33 -3.01
C TYR A 451 0.77 7.25 -3.76
N LEU A 452 0.66 7.91 -4.93
CA LEU A 452 -0.54 7.81 -5.68
C LEU A 452 -0.79 6.35 -6.10
N SER A 453 0.27 5.61 -6.39
CA SER A 453 0.01 4.26 -6.86
C SER A 453 -0.48 3.43 -5.65
N LEU A 454 0.00 3.73 -4.45
CA LEU A 454 -0.53 3.04 -3.22
C LEU A 454 -2.00 3.37 -2.91
N ILE A 455 -2.35 4.66 -3.01
CA ILE A 455 -3.64 5.09 -2.59
C ILE A 455 -4.66 4.73 -3.67
N LEU A 456 -4.32 4.92 -4.96
CA LEU A 456 -5.25 4.47 -6.00
C LEU A 456 -5.41 2.95 -5.96
N ASN A 457 -4.33 2.25 -5.62
CA ASN A 457 -4.49 0.83 -5.39
C ASN A 457 -5.50 0.49 -4.27
N ARG A 458 -5.43 1.21 -3.16
CA ARG A 458 -6.40 1.02 -2.08
C ARG A 458 -7.86 1.26 -2.62
N LEU A 459 -8.10 2.36 -3.33
CA LEU A 459 -9.38 2.54 -3.99
C LEU A 459 -9.74 1.33 -4.89
N CYS A 460 -8.81 0.87 -5.75
CA CYS A 460 -9.11 -0.24 -6.62
C CYS A 460 -9.49 -1.55 -5.87
N VAL A 461 -8.79 -1.80 -4.76
CA VAL A 461 -9.00 -2.99 -3.94
C VAL A 461 -10.43 -2.86 -3.31
N LEU A 462 -10.79 -1.73 -2.75
CA LEU A 462 -12.14 -1.55 -2.23
C LEU A 462 -13.17 -1.64 -3.32
N HIS A 463 -12.90 -1.06 -4.48
CA HIS A 463 -13.92 -1.02 -5.52
C HIS A 463 -14.12 -2.42 -6.18
N GLU A 464 -13.07 -3.21 -6.34
CA GLU A 464 -13.14 -4.58 -6.81
C GLU A 464 -14.22 -5.34 -5.97
N LYS A 465 -14.28 -5.12 -4.68
CA LYS A 465 -15.22 -5.84 -3.85
CA LYS A 465 -15.21 -5.79 -3.78
C LYS A 465 -16.65 -5.39 -4.11
N THR A 466 -16.88 -4.11 -4.36
CA THR A 466 -18.24 -3.66 -4.62
C THR A 466 -18.27 -2.65 -5.73
N PRO A 467 -18.23 -3.12 -6.99
CA PRO A 467 -17.97 -2.14 -8.06
C PRO A 467 -19.18 -1.28 -8.28
N VAL A 468 -19.03 0.04 -8.31
CA VAL A 468 -20.19 0.85 -8.51
C VAL A 468 -19.97 1.78 -9.69
N SER A 469 -18.74 2.04 -10.11
CA SER A 469 -18.47 2.98 -11.22
C SER A 469 -17.72 2.25 -12.33
N GLU A 470 -18.29 2.26 -13.53
CA GLU A 470 -17.62 1.73 -14.73
C GLU A 470 -16.29 2.41 -15.00
N LYS A 471 -16.22 3.70 -14.75
CA LYS A 471 -14.97 4.38 -15.07
C LYS A 471 -13.86 3.97 -14.10
N VAL A 472 -14.23 3.76 -12.84
CA VAL A 472 -13.23 3.25 -11.83
C VAL A 472 -12.79 1.84 -12.24
N THR A 473 -13.74 1.00 -12.67
CA THR A 473 -13.41 -0.36 -13.07
C THR A 473 -12.44 -0.30 -14.24
N LYS A 474 -12.67 0.60 -15.18
CA LYS A 474 -11.75 0.69 -16.32
C LYS A 474 -10.33 1.10 -15.89
N CYS A 475 -10.21 2.22 -15.14
CA CYS A 475 -8.94 2.66 -14.62
C CYS A 475 -8.26 1.62 -13.78
N CYS A 476 -9.03 0.91 -12.93
CA CYS A 476 -8.46 -0.14 -12.07
C CYS A 476 -8.00 -1.38 -12.82
N THR A 477 -8.63 -1.71 -13.97
CA THR A 477 -8.35 -3.03 -14.55
C THR A 477 -7.55 -2.98 -15.86
N GLU A 478 -7.57 -1.87 -16.55
CA GLU A 478 -6.98 -1.74 -17.86
C GLU A 478 -5.49 -1.96 -17.78
N SER A 479 -4.78 -1.18 -17.00
CA SER A 479 -3.31 -1.29 -17.09
C SER A 479 -2.76 -0.66 -15.86
N LEU A 480 -1.99 -1.42 -15.10
CA LEU A 480 -1.38 -0.95 -13.92
C LEU A 480 -0.48 0.28 -14.17
N VAL A 481 0.33 0.23 -15.21
CA VAL A 481 1.23 1.24 -15.58
C VAL A 481 0.52 2.63 -15.86
N ASN A 482 -0.69 2.61 -16.42
CA ASN A 482 -1.44 3.82 -16.77
C ASN A 482 -2.54 4.12 -15.78
N ARG A 483 -2.53 3.43 -14.67
CA ARG A 483 -3.62 3.68 -13.71
C ARG A 483 -3.70 5.14 -13.24
N ARG A 484 -2.58 5.71 -12.88
CA ARG A 484 -2.61 7.05 -12.33
C ARG A 484 -3.04 8.06 -13.42
N PRO A 485 -2.41 8.06 -14.65
CA PRO A 485 -2.96 8.96 -15.67
C PRO A 485 -4.43 8.67 -16.02
N CYS A 486 -4.85 7.41 -15.95
CA CYS A 486 -6.23 7.11 -16.31
C CYS A 486 -7.14 7.86 -15.32
N PHE A 487 -6.78 7.85 -14.02
CA PHE A 487 -7.56 8.58 -13.05
C PHE A 487 -7.42 10.07 -13.23
N SER A 488 -6.22 10.58 -13.52
CA SER A 488 -6.09 12.00 -13.75
C SER A 488 -6.96 12.45 -14.95
N ASP A 489 -7.19 11.58 -15.94
CA ASP A 489 -7.96 12.00 -17.11
C ASP A 489 -9.47 11.96 -16.93
N LEU A 490 -9.96 11.26 -15.90
CA LEU A 490 -11.40 11.27 -15.63
C LEU A 490 -11.84 12.73 -15.43
N THR A 491 -13.01 13.10 -15.96
CA THR A 491 -13.60 14.42 -15.72
C THR A 491 -14.94 14.10 -15.00
N LEU A 492 -15.81 15.10 -14.87
CA LEU A 492 -17.13 14.87 -14.29
C LEU A 492 -17.82 13.63 -14.96
N ASP A 493 -18.29 12.64 -14.18
CA ASP A 493 -18.94 11.49 -14.77
C ASP A 493 -20.31 11.94 -15.27
N GLU A 494 -20.48 11.96 -16.60
CA GLU A 494 -21.73 12.41 -17.23
C GLU A 494 -22.85 11.41 -17.20
N THR A 495 -22.55 10.15 -16.93
CA THR A 495 -23.58 9.15 -16.80
C THR A 495 -24.24 9.16 -15.41
N TYR A 496 -23.75 9.95 -14.46
CA TYR A 496 -24.14 9.84 -13.05
C TYR A 496 -25.52 10.51 -12.81
N VAL A 497 -26.45 9.83 -12.18
CA VAL A 497 -27.70 10.43 -11.88
C VAL A 497 -27.65 10.89 -10.43
N PRO A 498 -27.94 12.16 -10.17
CA PRO A 498 -27.87 12.74 -8.81
C PRO A 498 -28.91 12.14 -7.87
N LYS A 499 -28.63 12.16 -6.57
CA LYS A 499 -29.55 11.73 -5.57
C LYS A 499 -30.18 12.98 -4.94
N PRO A 500 -31.30 12.81 -4.21
CA PRO A 500 -31.89 13.92 -3.48
C PRO A 500 -30.96 14.32 -2.37
N PHE A 501 -31.10 15.56 -1.90
CA PHE A 501 -30.25 16.07 -0.87
C PHE A 501 -30.38 15.21 0.38
N ASP A 502 -29.26 14.67 0.87
CA ASP A 502 -29.28 13.72 1.99
C ASP A 502 -29.02 14.52 3.30
N GLU A 503 -30.09 15.08 3.85
CA GLU A 503 -30.00 16.10 4.89
C GLU A 503 -29.48 15.61 6.20
N LYS A 504 -29.52 14.28 6.45
CA LYS A 504 -28.89 13.76 7.69
C LYS A 504 -27.42 14.20 7.78
N PHE A 505 -26.76 14.44 6.63
CA PHE A 505 -25.37 14.71 6.70
C PHE A 505 -25.20 16.22 7.10
N PHE A 506 -26.30 16.98 7.20
CA PHE A 506 -26.21 18.38 7.45
C PHE A 506 -26.92 18.73 8.74
N THR A 507 -27.17 17.71 9.59
CA THR A 507 -28.02 17.81 10.82
C THR A 507 -27.19 17.14 11.91
N PHE A 508 -27.07 17.71 13.10
CA PHE A 508 -26.11 17.21 14.13
C PHE A 508 -26.73 17.16 15.51
N HIS A 509 -26.19 16.29 16.36
CA HIS A 509 -26.41 16.38 17.81
C HIS A 509 -25.23 17.15 18.47
N ALA A 510 -25.45 17.59 19.71
CA ALA A 510 -24.47 18.37 20.53
C ALA A 510 -23.09 17.69 20.66
N ASP A 511 -23.02 16.34 20.66
CA ASP A 511 -21.75 15.64 20.75
CA ASP A 511 -21.78 15.55 20.69
C ASP A 511 -20.80 15.93 19.58
N ILE A 512 -21.31 16.47 18.46
CA ILE A 512 -20.40 16.97 17.43
C ILE A 512 -19.37 17.96 18.03
N CYS A 513 -19.78 18.71 19.04
CA CYS A 513 -18.99 19.85 19.55
C CYS A 513 -17.71 19.42 20.21
N THR A 514 -17.61 18.18 20.66
CA THR A 514 -16.44 17.72 21.39
C THR A 514 -15.78 16.60 20.63
N LEU A 515 -16.10 16.41 19.35
CA LEU A 515 -15.34 15.42 18.59
C LEU A 515 -13.87 15.88 18.49
N PRO A 516 -12.92 14.93 18.50
CA PRO A 516 -11.55 15.38 18.16
C PRO A 516 -11.53 15.98 16.73
N ASP A 517 -10.51 16.79 16.42
CA ASP A 517 -10.44 17.58 15.16
C ASP A 517 -10.54 16.80 13.88
N THR A 518 -9.84 15.67 13.83
CA THR A 518 -9.84 14.75 12.73
C THR A 518 -11.30 14.34 12.37
N GLU A 519 -12.03 13.93 13.40
CA GLU A 519 -13.43 13.61 13.31
C GLU A 519 -14.36 14.78 12.91
N LYS A 520 -14.13 16.01 13.40
CA LYS A 520 -14.86 17.16 12.90
C LYS A 520 -14.58 17.39 11.40
N GLN A 521 -13.29 17.28 11.00
CA GLN A 521 -12.92 17.35 9.62
C GLN A 521 -13.66 16.34 8.78
N ILE A 522 -13.70 15.09 9.23
CA ILE A 522 -14.39 14.05 8.53
C ILE A 522 -15.90 14.32 8.36
N LYS A 523 -16.55 14.87 9.40
CA LYS A 523 -17.96 15.25 9.33
C LYS A 523 -18.15 16.30 8.25
N LYS A 524 -17.28 17.28 8.21
CA LYS A 524 -17.38 18.30 7.18
C LYS A 524 -17.10 17.77 5.77
N GLN A 525 -16.14 16.87 5.65
CA GLN A 525 -15.73 16.37 4.32
C GLN A 525 -16.78 15.38 3.80
N THR A 526 -17.39 14.64 4.73
CA THR A 526 -18.53 13.80 4.37
C THR A 526 -19.71 14.67 3.79
N ALA A 527 -20.01 15.77 4.45
CA ALA A 527 -21.05 16.70 3.96
C ALA A 527 -20.67 17.20 2.54
N LEU A 528 -19.40 17.56 2.34
CA LEU A 528 -18.95 18.08 1.08
C LEU A 528 -19.19 17.03 -0.04
N VAL A 529 -18.86 15.76 0.22
CA VAL A 529 -19.07 14.74 -0.76
C VAL A 529 -20.57 14.68 -1.12
N GLU A 530 -21.42 14.74 -0.08
CA GLU A 530 -22.86 14.59 -0.24
C GLU A 530 -23.45 15.77 -0.99
N LEU A 531 -22.87 16.97 -0.83
CA LEU A 531 -23.27 18.09 -1.68
C LEU A 531 -23.12 17.80 -3.16
N LEU A 532 -21.97 17.27 -3.50
CA LEU A 532 -21.66 16.98 -4.86
C LEU A 532 -22.45 15.81 -5.38
N LYS A 533 -22.84 14.87 -4.50
CA LYS A 533 -23.62 13.76 -5.01
C LYS A 533 -25.07 14.18 -5.34
N HIS A 534 -25.56 15.22 -4.62
CA HIS A 534 -26.83 15.81 -4.88
C HIS A 534 -26.76 16.81 -6.06
N LYS A 535 -25.65 17.55 -6.18
CA LYS A 535 -25.49 18.60 -7.19
C LYS A 535 -24.12 18.51 -7.89
N PRO A 536 -23.94 17.53 -8.81
CA PRO A 536 -22.56 17.28 -9.28
C PRO A 536 -21.96 18.46 -10.05
N LYS A 537 -22.84 19.31 -10.59
CA LYS A 537 -22.41 20.45 -11.33
C LYS A 537 -22.36 21.71 -10.49
N ALA A 538 -22.49 21.64 -9.16
CA ALA A 538 -22.42 22.83 -8.32
C ALA A 538 -21.07 23.55 -8.55
N THR A 539 -21.09 24.85 -8.51
CA THR A 539 -19.84 25.60 -8.68
C THR A 539 -19.06 25.65 -7.39
N ASP A 540 -17.74 25.74 -7.56
CA ASP A 540 -16.86 25.92 -6.43
C ASP A 540 -17.34 27.06 -5.49
N GLU A 541 -17.96 28.10 -6.03
CA GLU A 541 -18.41 29.17 -5.16
C GLU A 541 -19.63 28.73 -4.38
N GLN A 542 -20.60 28.08 -5.05
CA GLN A 542 -21.75 27.48 -4.35
C GLN A 542 -21.28 26.56 -3.23
N LEU A 543 -20.26 25.73 -3.51
CA LEU A 543 -19.77 24.76 -2.52
C LEU A 543 -19.22 25.48 -1.33
N LYS A 544 -18.46 26.56 -1.61
CA LYS A 544 -17.81 27.32 -0.57
C LYS A 544 -18.81 28.04 0.31
N THR A 545 -19.80 28.71 -0.29
CA THR A 545 -20.90 29.33 0.45
C THR A 545 -21.55 28.36 1.42
N VAL A 546 -21.98 27.22 0.87
CA VAL A 546 -22.61 26.18 1.67
C VAL A 546 -21.72 25.79 2.87
N MET A 547 -20.45 25.46 2.57
CA MET A 547 -19.60 24.91 3.57
C MET A 547 -19.26 25.97 4.60
N GLU A 548 -19.17 27.21 4.15
CA GLU A 548 -19.00 28.31 5.08
C GLU A 548 -20.19 28.48 6.00
N ASN A 549 -21.44 28.53 5.47
CA ASN A 549 -22.63 28.51 6.36
C ASN A 549 -22.63 27.31 7.33
N PHE A 550 -22.26 26.12 6.81
CA PHE A 550 -22.15 24.86 7.58
C PHE A 550 -21.28 25.07 8.83
N VAL A 551 -20.02 25.49 8.63
CA VAL A 551 -19.10 25.71 9.76
CA VAL A 551 -19.04 25.76 9.71
C VAL A 551 -19.58 26.84 10.67
N ALA A 552 -20.23 27.86 10.10
CA ALA A 552 -20.78 28.99 10.88
C ALA A 552 -21.89 28.41 11.74
N PHE A 553 -22.75 27.58 11.17
CA PHE A 553 -23.84 26.99 11.92
C PHE A 553 -23.38 26.07 13.08
N VAL A 554 -22.40 25.19 12.80
CA VAL A 554 -21.84 24.33 13.84
C VAL A 554 -21.19 25.19 14.93
N ASP A 555 -20.38 26.19 14.54
CA ASP A 555 -19.79 27.13 15.49
C ASP A 555 -20.81 27.78 16.40
N LYS A 556 -21.95 28.17 15.83
CA LYS A 556 -23.00 28.90 16.58
C LYS A 556 -23.71 28.00 17.58
N CYS A 557 -24.07 26.79 17.17
CA CYS A 557 -24.76 25.87 18.07
C CYS A 557 -23.79 25.32 19.10
N CYS A 558 -22.54 25.11 18.74
CA CYS A 558 -21.55 24.70 19.74
C CYS A 558 -21.32 25.72 20.87
N ALA A 559 -21.57 27.01 20.58
CA ALA A 559 -21.33 28.07 21.57
C ALA A 559 -22.63 28.46 22.25
N ALA A 560 -23.74 27.80 21.87
CA ALA A 560 -25.07 28.04 22.48
C ALA A 560 -25.14 27.58 23.95
N ASP A 561 -26.10 28.08 24.74
CA ASP A 561 -26.27 27.58 26.12
C ASP A 561 -26.82 26.16 26.09
N ASP A 562 -27.90 26.04 25.34
CA ASP A 562 -28.56 24.79 25.01
C ASP A 562 -28.07 24.33 23.60
N LYS A 563 -26.98 23.55 23.54
CA LYS A 563 -26.42 23.11 22.22
C LYS A 563 -27.37 22.19 21.42
N GLU A 564 -27.97 21.17 22.06
CA GLU A 564 -28.79 20.24 21.32
C GLU A 564 -29.98 21.05 20.83
N GLY A 565 -30.51 21.96 21.68
CA GLY A 565 -31.73 22.73 21.36
C GLY A 565 -31.50 23.56 20.10
N CYS A 566 -30.34 24.25 20.04
CA CYS A 566 -29.94 24.96 18.87
C CYS A 566 -29.86 24.05 17.64
N PHE A 567 -29.11 22.94 17.73
CA PHE A 567 -28.94 22.04 16.57
C PHE A 567 -30.30 21.58 16.09
N VAL A 568 -31.17 21.21 17.03
CA VAL A 568 -32.46 20.67 16.62
C VAL A 568 -33.38 21.74 16.04
N LEU A 569 -33.49 22.86 16.73
CA LEU A 569 -34.49 23.87 16.33
C LEU A 569 -34.01 24.83 15.26
N GLU A 570 -32.70 25.13 15.23
CA GLU A 570 -32.14 26.01 14.22
C GLU A 570 -31.68 25.24 13.01
N GLY A 571 -31.52 23.93 13.18
CA GLY A 571 -31.03 23.04 12.15
C GLY A 571 -31.66 23.17 10.80
N PRO A 572 -33.01 23.20 10.71
CA PRO A 572 -33.68 23.27 9.39
C PRO A 572 -33.36 24.55 8.60
N LYS A 573 -32.86 25.56 9.30
CA LYS A 573 -32.43 26.80 8.62
C LYS A 573 -31.21 26.59 7.80
N LEU A 574 -30.15 26.03 8.42
CA LEU A 574 -29.04 25.47 7.63
C LEU A 574 -29.49 24.65 6.38
N VAL A 575 -30.45 23.74 6.57
CA VAL A 575 -30.89 22.85 5.50
C VAL A 575 -31.58 23.62 4.36
N ALA A 576 -32.50 24.54 4.70
CA ALA A 576 -33.09 25.49 3.68
C ALA A 576 -32.07 26.47 3.02
N SER A 577 -31.18 27.09 3.79
CA SER A 577 -30.14 27.94 3.18
C SER A 577 -29.19 27.15 2.24
N THR A 578 -28.91 25.89 2.61
CA THR A 578 -28.13 25.06 1.75
C THR A 578 -28.90 24.78 0.48
N GLN A 579 -30.17 24.44 0.58
CA GLN A 579 -30.86 24.19 -0.66
C GLN A 579 -30.98 25.46 -1.55
N ALA A 580 -31.04 26.66 -0.92
CA ALA A 580 -31.11 27.94 -1.65
C ALA A 580 -29.78 28.18 -2.38
N ALA A 581 -28.65 28.14 -1.65
CA ALA A 581 -27.33 28.34 -2.25
C ALA A 581 -27.04 27.47 -3.51
N LEU A 582 -27.69 26.29 -3.59
CA LEU A 582 -27.42 25.28 -4.65
C LEU A 582 -28.42 25.39 -5.78
N ALA A 583 -29.49 26.14 -5.52
CA ALA A 583 -30.65 26.27 -6.46
C ALA A 583 -30.32 26.80 -7.88
C1 DIF B . 0.66 15.79 -4.69
C2 DIF B . 0.37 15.59 -6.02
CL2 DIF B . 1.55 16.04 -7.21
C3 DIF B . -0.83 14.98 -6.41
C4 DIF B . -1.75 14.67 -5.44
CL4 DIF B . -3.31 14.00 -5.90
C5 DIF B . -1.47 14.89 -4.12
C6 DIF B . -0.26 15.46 -3.76
N1 DIF B . -1.15 14.80 -7.77
C7 DIF B . -0.69 14.04 -10.05
C8 DIF B . -0.35 14.06 -8.68
C9 DIF B . 0.76 13.35 -8.22
C10 DIF B . 1.57 12.64 -9.14
C11 DIF B . 1.23 12.63 -10.51
C12 DIF B . 0.11 13.32 -10.95
C13 DIF B . -1.90 14.80 -10.56
C14 DIF B . -3.18 14.04 -10.23
O1 DIF B . -3.42 13.77 -9.04
O2 DIF B . -3.94 13.72 -11.15
C1 DIF C . -14.29 23.00 -1.86
C2 DIF C . -14.69 23.64 -0.68
CL2 DIF C . -16.41 23.77 -0.28
C3 DIF C . -13.76 24.14 0.20
C4 DIF C . -12.39 24.08 -0.13
CL4 DIF C . -11.15 24.76 0.99
C5 DIF C . -11.97 23.43 -1.30
C6 DIF C . -12.94 22.90 -2.17
N1 DIF C . -14.20 24.83 1.31
C7 DIF C . -14.98 24.98 3.60
C8 DIF C . -14.54 24.20 2.49
C9 DIF C . -14.47 22.81 2.61
C10 DIF C . -14.81 22.18 3.82
C11 DIF C . -15.23 22.95 4.92
C12 DIF C . -15.31 24.34 4.81
C13 DIF C . -15.12 26.49 3.48
C14 DIF C . -13.80 27.18 3.76
O1 DIF C . -13.68 27.85 4.81
O2 DIF C . -12.88 27.07 2.91
C1 DIF D . 2.92 -15.11 20.30
C2 DIF D . 3.12 -14.95 21.68
CL2 DIF D . 3.22 -13.34 22.37
C3 DIF D . 3.24 -16.08 22.50
C4 DIF D . 3.19 -17.33 21.94
CL4 DIF D . 3.38 -18.77 22.98
C5 DIF D . 2.99 -17.50 20.57
C6 DIF D . 2.86 -16.38 19.75
N1 DIF D . 3.45 -15.93 23.85
C7 DIF D . 2.75 -15.11 26.03
C8 DIF D . 2.45 -15.50 24.69
C9 DIF D . 1.13 -15.41 24.24
C10 DIF D . 0.12 -14.93 25.08
C11 DIF D . 0.42 -14.57 26.41
C12 DIF D . 1.73 -14.65 26.87
C13 DIF D . 4.17 -15.17 26.55
C14 DIF D . 4.54 -16.60 26.92
O1 DIF D . 3.81 -17.54 26.52
O2 DIF D . 5.55 -16.78 27.61
C1 DIF E . -2.15 1.64 20.00
C2 DIF E . -2.16 1.80 18.60
CL2 DIF E . -2.69 3.34 17.89
C3 DIF E . -1.76 0.74 17.77
C4 DIF E . -1.35 -0.47 18.33
CL4 DIF E . -0.89 -1.83 17.25
C5 DIF E . -1.35 -0.63 19.72
C6 DIF E . -1.73 0.42 20.55
N1 DIF E . -1.80 0.89 16.41
C7 DIF E . -0.69 0.68 14.27
C8 DIF E . -0.65 0.95 15.66
C9 DIF E . 0.59 1.32 16.28
C10 DIF E . 1.77 1.38 15.51
C11 DIF E . 1.74 1.08 14.14
C12 DIF E . 0.50 0.74 13.52
C13 DIF E . -2.01 0.28 13.58
C14 DIF E . -3.06 1.41 13.69
O1 DIF E . -4.07 1.36 12.95
O2 DIF E . -2.90 2.32 14.52
C1 DIF F . 10.48 -15.66 -15.25
C2 DIF F . 10.71 -14.40 -15.81
CL2 DIF F . 9.34 -13.34 -16.21
C3 DIF F . 12.02 -13.99 -16.08
C4 DIF F . 13.09 -14.84 -15.77
CL4 DIF F . 14.79 -14.36 -16.11
C5 DIF F . 12.84 -16.08 -15.18
C6 DIF F . 11.54 -16.49 -14.94
N1 DIF F . 12.24 -12.75 -16.62
C7 DIF F . 11.94 -10.44 -15.89
C8 DIF F . 12.57 -11.72 -15.80
C9 DIF F . 13.57 -11.91 -14.85
C10 DIF F . 13.95 -10.89 -13.99
C11 DIF F . 13.33 -9.65 -14.07
C12 DIF F . 12.32 -9.43 -15.01
C13 DIF F . 10.78 -10.13 -16.86
C14 DIF F . 10.58 -11.21 -17.87
O1 DIF F . 9.37 -11.59 -18.12
O2 DIF F . 11.56 -11.63 -18.49
C1 DIF G . -0.11 5.87 3.27
C2 DIF G . -1.30 5.69 3.95
CL2 DIF G . -1.48 6.31 5.62
C3 DIF G . -2.36 5.01 3.34
C4 DIF G . -2.21 4.56 2.03
CL4 DIF G . -3.56 3.70 1.18
C5 DIF G . -1.00 4.74 1.35
C6 DIF G . 0.05 5.39 1.97
N1 DIF G . -3.55 4.82 4.04
C7 DIF G . -5.39 3.32 4.71
C8 DIF G . -4.03 3.52 4.30
C9 DIF G . -3.18 2.38 4.11
C10 DIF G . -3.68 1.09 4.34
C11 DIF G . -5.01 0.89 4.77
C12 DIF G . -5.87 2.01 4.94
C13 DIF G . -6.32 4.52 4.90
C14 DIF G . -6.13 5.11 6.29
O1 DIF G . -6.89 4.70 7.21
O2 DIF G . -5.24 5.96 6.47
C ACT H . -16.58 1.86 -2.34
O ACT H . -17.58 2.38 -2.88
OXT ACT H . -16.24 2.09 -1.15
CH3 ACT H . -15.75 0.92 -3.16
C ACT I . 2.71 -20.62 6.32
O ACT I . 3.83 -20.17 6.68
OXT ACT I . 2.64 -21.38 5.32
CH3 ACT I . 1.48 -20.24 7.10
C1 LMR J . 8.07 -4.71 -19.40
O1A LMR J . 8.00 -3.44 -19.55
O1B LMR J . 7.16 -5.42 -18.91
C2 LMR J . 9.24 -5.53 -19.86
O2 LMR J . 10.49 -4.90 -19.55
C3 LMR J . 9.19 -6.92 -19.26
C4 LMR J . 9.80 -6.98 -17.86
O4A LMR J . 9.16 -7.67 -17.04
O4B LMR J . 10.87 -6.38 -17.57
C1 LMR K . 15.07 -6.05 -1.14
O1A LMR K . 15.76 -7.09 -0.90
O1B LMR K . 13.91 -5.81 -0.72
C2 LMR K . 15.75 -5.04 -2.00
O2 LMR K . 16.35 -5.75 -3.08
C3 LMR K . 14.78 -3.96 -2.45
C4 LMR K . 15.42 -2.58 -2.35
O4A LMR K . 14.64 -1.61 -2.28
O4B LMR K . 16.68 -2.44 -2.35
C1 MLI L . 16.51 10.13 -21.76
C2 MLI L . 15.96 11.15 -20.77
C3 MLI L . 18.03 10.00 -21.72
O6 MLI L . 16.72 12.08 -20.39
O7 MLI L . 14.78 11.01 -20.31
O8 MLI L . 18.65 10.33 -22.75
O9 MLI L . 18.63 9.57 -20.69
C FMT M . -13.21 -3.38 -10.50
O1 FMT M . -14.38 -3.58 -10.84
O2 FMT M . -12.88 -2.23 -9.91
C FMT N . 16.49 -9.00 14.28
O1 FMT N . 16.70 -9.92 13.50
O2 FMT N . 16.58 -7.74 13.83
C FMT O . -26.09 7.15 -10.21
O1 FMT O . -25.99 7.14 -11.43
O2 FMT O . -25.60 6.16 -9.43
C FMT P . 15.19 -17.26 18.50
O1 FMT P . 15.88 -18.05 17.88
O2 FMT P . 14.01 -17.65 18.96
C FMT Q . -8.59 -12.04 -9.98
O1 FMT Q . -8.39 -12.12 -11.19
O2 FMT Q . -8.31 -13.05 -9.16
C FMT R . -23.66 14.28 14.08
O1 FMT R . -23.14 13.28 13.56
O2 FMT R . -24.40 14.16 15.19
C FMT S . 19.27 -13.60 -13.67
O1 FMT S . 20.38 -13.61 -14.15
O2 FMT S . 18.16 -13.58 -14.42
C FMT T . 16.54 7.75 -2.59
O1 FMT T . 17.74 7.73 -2.43
O2 FMT T . 15.85 6.68 -2.21
C FMT U . 0.40 -2.35 -17.99
O1 FMT U . -0.23 -1.70 -18.80
O2 FMT U . 0.09 -2.23 -16.71
C FMT V . -5.58 -9.35 -4.87
O1 FMT V . -5.91 -8.17 -4.88
O2 FMT V . -4.68 -9.80 -4.01
NA NA W . -7.54 16.00 -15.10
NA NA X . -27.05 13.68 11.28
NA NA Y . 10.92 -21.37 -1.74
NA NA Z . 24.57 -5.44 -17.98
NA NA AA . 3.08 4.64 -22.28
#